data_2DE4
#
_entry.id   2DE4
#
_cell.length_a   153.370
_cell.length_b   45.860
_cell.length_c   112.900
_cell.angle_alpha   90.00
_cell.angle_beta   115.93
_cell.angle_gamma   90.00
#
_symmetry.space_group_name_H-M   'C 1 2 1'
#
loop_
_entity.id
_entity.type
_entity.pdbx_description
1 polymer 'DIBENZOTHIOPHENE DESULFURIZATION ENZYME B'
2 non-polymer 'ACETATE ION'
3 non-polymer "1,1'-BIPHENYL-2-SULFINIC ACID"
4 water water
#
_entity_poly.entity_id   1
_entity_poly.type   'polypeptide(L)'
_entity_poly.pdbx_seq_one_letter_code
;MTSRVDPANPGSELDSAIRDTLTYSNSPVPNALLTASESGFLDAAGIELDVLSGQQGTVHFTYDQPAYTRFGGEIPPLLS
EGLRAPGRTRLLGITPLLGRQGFFVRDDSPITAAADLAGRRIGVSASAIRILRGQLGDYLELDPWRQTLVALGSWEARAL
LHTLEHGELGVDDVELVPISSPGVDVPAEQLEESATVKGADLFPDVARGQAAVLASGDVDALYSWLPWAGELQATGARPV
VDLGLDERNAYASVWTVSSGLVRQRPGLVQRLVDAAVDAGLWARDHSDAVTSLHAANLGVSTGAVGQGFGADFQQRLVPR
LDHDALALLERTQQFLLTNNLLQEPVALDQWAAPEFLNNSLNRHR
;
_entity_poly.pdbx_strand_id   A,B
#
loop_
_chem_comp.id
_chem_comp.type
_chem_comp.name
_chem_comp.formula
ACT non-polymer 'ACETATE ION' 'C2 H3 O2 -1'
BPS non-polymer '1,1'-BIPHENYL-2-SULFINIC ACID' 'C12 H10 O2 S'
#
# COMPACT_ATOMS: atom_id res chain seq x y z
N ASP A 20 25.97 18.84 -15.27
CA ASP A 20 27.05 17.93 -14.78
C ASP A 20 26.51 16.52 -14.59
N THR A 21 27.36 15.52 -14.85
CA THR A 21 26.96 14.13 -14.70
C THR A 21 27.76 13.42 -13.62
N LEU A 22 27.05 12.73 -12.74
CA LEU A 22 27.70 11.99 -11.67
C LEU A 22 27.22 10.54 -11.73
N THR A 23 28.11 9.61 -11.41
CA THR A 23 27.73 8.20 -11.37
C THR A 23 27.17 8.04 -9.96
N TYR A 24 26.26 7.10 -9.75
CA TYR A 24 25.68 6.96 -8.42
C TYR A 24 25.05 5.61 -8.18
N SER A 25 24.60 5.43 -6.94
CA SER A 25 23.90 4.22 -6.54
C SER A 25 23.34 4.48 -5.17
N ASN A 26 22.37 3.68 -4.76
CA ASN A 26 21.80 3.80 -3.44
C ASN A 26 21.42 2.40 -3.00
N SER A 27 21.47 2.17 -1.70
CA SER A 27 21.10 0.88 -1.14
C SER A 27 19.59 0.86 -1.04
N PRO A 28 19.00 -0.30 -0.69
CA PRO A 28 17.55 -0.41 -0.56
C PRO A 28 17.09 0.28 0.73
N VAL A 29 17.36 1.57 0.82
CA VAL A 29 17.00 2.36 1.99
C VAL A 29 16.41 3.70 1.60
N PRO A 30 15.64 4.32 2.51
CA PRO A 30 15.04 5.62 2.21
C PRO A 30 16.13 6.68 2.13
N ASN A 31 16.15 7.46 1.06
CA ASN A 31 17.18 8.48 0.91
C ASN A 31 16.79 9.60 -0.04
N ALA A 32 17.34 10.79 0.22
CA ALA A 32 17.05 11.98 -0.57
C ALA A 32 17.76 12.04 -1.92
N LEU A 33 18.79 11.23 -2.13
CA LEU A 33 19.50 11.23 -3.41
C LEU A 33 18.58 10.64 -4.47
N LEU A 34 18.03 9.45 -4.18
CA LEU A 34 17.11 8.80 -5.10
C LEU A 34 15.90 9.71 -5.31
N THR A 35 15.37 10.24 -4.22
CA THR A 35 14.20 11.10 -4.27
C THR A 35 14.43 12.34 -5.13
N ALA A 36 15.55 13.03 -4.93
CA ALA A 36 15.85 14.23 -5.71
C ALA A 36 16.02 13.90 -7.18
N SER A 37 16.59 12.74 -7.47
CA SER A 37 16.82 12.32 -8.85
C SER A 37 15.52 11.98 -9.57
N GLU A 38 14.71 11.11 -8.96
CA GLU A 38 13.45 10.70 -9.57
C GLU A 38 12.38 11.80 -9.60
N SER A 39 12.45 12.74 -8.67
CA SER A 39 11.45 13.81 -8.62
C SER A 39 11.82 15.03 -9.45
N GLY A 40 12.99 15.01 -10.09
CA GLY A 40 13.39 16.12 -10.93
C GLY A 40 14.15 17.27 -10.29
N PHE A 41 14.41 17.19 -8.99
CA PHE A 41 15.13 18.26 -8.31
C PHE A 41 16.56 18.40 -8.80
N LEU A 42 17.19 17.29 -9.16
CA LEU A 42 18.56 17.34 -9.66
C LEU A 42 18.58 17.94 -11.06
N ASP A 43 17.61 17.54 -11.87
CA ASP A 43 17.52 18.04 -13.24
C ASP A 43 17.45 19.57 -13.21
N ALA A 44 16.64 20.10 -12.29
CA ALA A 44 16.49 21.55 -12.16
C ALA A 44 17.80 22.19 -11.74
N ALA A 45 18.62 21.44 -11.00
CA ALA A 45 19.90 21.93 -10.52
C ALA A 45 21.00 21.66 -11.55
N GLY A 46 20.60 21.20 -12.73
CA GLY A 46 21.56 20.91 -13.79
C GLY A 46 22.44 19.70 -13.52
N ILE A 47 21.90 18.74 -12.79
CA ILE A 47 22.65 17.53 -12.46
C ILE A 47 21.91 16.28 -12.93
N GLU A 48 22.67 15.36 -13.51
CA GLU A 48 22.10 14.10 -13.99
C GLU A 48 22.92 12.95 -13.41
N LEU A 49 22.23 11.92 -12.95
CA LEU A 49 22.89 10.77 -12.34
C LEU A 49 22.86 9.52 -13.22
N ASP A 50 23.98 8.81 -13.29
CA ASP A 50 24.06 7.57 -14.05
C ASP A 50 24.31 6.45 -13.05
N VAL A 51 23.31 5.59 -12.86
CA VAL A 51 23.43 4.48 -11.91
C VAL A 51 24.51 3.49 -12.32
N LEU A 52 25.17 2.89 -11.33
CA LEU A 52 26.20 1.92 -11.58
C LEU A 52 25.63 0.68 -12.25
N SER A 53 26.32 0.21 -13.27
CA SER A 53 25.90 -1.00 -13.97
C SER A 53 26.43 -2.16 -13.13
N GLY A 54 25.93 -3.37 -13.38
CA GLY A 54 26.41 -4.50 -12.63
C GLY A 54 27.90 -4.67 -12.85
N GLN A 55 28.36 -4.31 -14.05
CA GLN A 55 29.78 -4.43 -14.40
C GLN A 55 30.68 -3.44 -13.67
N GLN A 56 30.09 -2.38 -13.13
CA GLN A 56 30.86 -1.40 -12.38
C GLN A 56 30.30 -1.37 -10.96
N GLY A 57 29.54 -2.42 -10.64
CA GLY A 57 28.90 -2.52 -9.34
C GLY A 57 29.79 -2.53 -8.11
N THR A 58 31.02 -3.01 -8.22
CA THR A 58 31.90 -3.05 -7.06
C THR A 58 32.19 -1.65 -6.49
N VAL A 59 31.97 -0.62 -7.30
CA VAL A 59 32.19 0.74 -6.85
C VAL A 59 31.26 1.08 -5.68
N HIS A 60 30.15 0.35 -5.59
CA HIS A 60 29.18 0.53 -4.52
C HIS A 60 29.85 0.23 -3.18
N PHE A 61 30.92 -0.57 -3.23
CA PHE A 61 31.69 -0.94 -2.05
C PHE A 61 33.09 -0.33 -2.02
N THR A 62 33.63 0.04 -3.18
CA THR A 62 34.99 0.58 -3.25
C THR A 62 35.14 2.09 -3.45
N TYR A 63 34.12 2.74 -3.99
CA TYR A 63 34.14 4.19 -4.20
C TYR A 63 35.26 4.67 -5.11
N ASP A 64 35.79 3.73 -5.90
CA ASP A 64 36.89 4.03 -6.79
C ASP A 64 36.49 4.66 -8.13
N GLN A 65 35.90 5.85 -8.06
CA GLN A 65 35.49 6.63 -9.24
C GLN A 65 35.63 8.11 -8.88
N PRO A 66 35.94 8.96 -9.87
CA PRO A 66 36.13 10.40 -9.69
C PRO A 66 34.93 11.29 -9.38
N ALA A 67 33.75 10.93 -9.86
CA ALA A 67 32.56 11.75 -9.63
C ALA A 67 31.39 10.84 -9.28
N TYR A 68 31.59 10.08 -8.20
CA TYR A 68 30.60 9.12 -7.73
C TYR A 68 29.97 9.51 -6.40
N THR A 69 28.66 9.30 -6.31
CA THR A 69 27.96 9.61 -5.07
C THR A 69 27.03 8.45 -4.73
N ARG A 70 27.02 8.06 -3.45
CA ARG A 70 26.21 6.95 -2.99
C ARG A 70 25.48 7.31 -1.71
N PHE A 71 24.27 6.78 -1.58
CA PHE A 71 23.48 7.00 -0.37
C PHE A 71 22.97 5.61 -0.02
N GLY A 72 23.58 5.00 1.00
CA GLY A 72 23.17 3.66 1.38
C GLY A 72 23.71 3.22 2.73
N GLY A 73 23.72 1.91 2.95
CA GLY A 73 24.19 1.35 4.21
C GLY A 73 25.59 1.84 4.54
N GLU A 74 25.86 2.02 5.83
CA GLU A 74 27.15 2.54 6.28
C GLU A 74 28.31 1.55 6.37
N ILE A 75 28.04 0.25 6.34
CA ILE A 75 29.12 -0.70 6.48
C ILE A 75 30.15 -0.67 5.34
N PRO A 76 29.70 -0.69 4.07
CA PRO A 76 30.71 -0.67 3.00
C PRO A 76 31.59 0.58 3.03
N PRO A 77 31.01 1.78 3.18
CA PRO A 77 31.87 2.96 3.20
C PRO A 77 32.77 3.06 4.43
N LEU A 78 32.32 2.51 5.56
CA LEU A 78 33.14 2.54 6.77
C LEU A 78 34.35 1.64 6.56
N LEU A 79 34.13 0.50 5.91
CA LEU A 79 35.23 -0.42 5.65
C LEU A 79 36.19 0.19 4.64
N SER A 80 35.64 0.81 3.60
CA SER A 80 36.49 1.41 2.58
C SER A 80 37.36 2.51 3.17
N GLU A 81 36.74 3.41 3.94
CA GLU A 81 37.47 4.51 4.57
C GLU A 81 38.37 4.11 5.74
N GLY A 82 37.93 3.13 6.52
CA GLY A 82 38.71 2.73 7.67
C GLY A 82 39.65 1.56 7.53
N LEU A 83 39.49 0.78 6.46
CA LEU A 83 40.30 -0.40 6.28
C LEU A 83 41.10 -0.49 4.99
N ARG A 84 40.54 0.00 3.89
CA ARG A 84 41.19 -0.13 2.60
C ARG A 84 41.70 1.10 1.85
N ALA A 85 40.92 2.18 1.84
CA ALA A 85 41.34 3.36 1.09
C ALA A 85 40.87 4.66 1.72
N PRO A 86 41.53 5.08 2.82
CA PRO A 86 41.18 6.32 3.51
C PRO A 86 41.32 7.55 2.61
N GLY A 87 40.25 8.33 2.52
CA GLY A 87 40.30 9.54 1.71
C GLY A 87 39.55 9.57 0.40
N ARG A 88 39.03 8.43 -0.05
CA ARG A 88 38.29 8.40 -1.31
C ARG A 88 36.98 9.17 -1.27
N THR A 89 36.36 9.22 -0.11
CA THR A 89 35.07 9.88 0.00
C THR A 89 34.93 10.87 1.15
N ARG A 90 33.89 11.70 1.07
CA ARG A 90 33.55 12.64 2.12
C ARG A 90 32.10 12.34 2.46
N LEU A 91 31.72 12.53 3.71
CA LEU A 91 30.35 12.28 4.17
C LEU A 91 29.52 13.56 4.12
N LEU A 92 28.45 13.55 3.32
CA LEU A 92 27.61 14.73 3.17
C LEU A 92 26.41 14.78 4.11
N GLY A 93 25.89 13.61 4.48
CA GLY A 93 24.74 13.59 5.36
C GLY A 93 24.36 12.18 5.79
N ILE A 94 23.44 12.11 6.73
CA ILE A 94 22.98 10.83 7.27
C ILE A 94 21.45 10.79 7.35
N THR A 95 20.90 9.61 7.11
CA THR A 95 19.46 9.40 7.22
C THR A 95 19.25 8.08 7.93
N PRO A 96 18.80 8.12 9.19
CA PRO A 96 18.58 6.90 9.96
C PRO A 96 17.64 5.94 9.25
N LEU A 97 17.79 4.66 9.55
CA LEU A 97 16.97 3.61 8.98
C LEU A 97 16.44 2.73 10.10
N LEU A 98 15.14 2.52 10.14
CA LEU A 98 14.51 1.68 11.14
C LEU A 98 13.09 1.36 10.69
N GLY A 99 12.77 0.07 10.67
CA GLY A 99 11.44 -0.36 10.26
C GLY A 99 11.26 -1.82 10.64
N ARG A 100 10.31 -2.49 9.99
CA ARG A 100 10.06 -3.91 10.28
C ARG A 100 11.39 -4.65 10.20
N GLN A 101 11.76 -5.33 11.27
CA GLN A 101 13.03 -6.04 11.32
C GLN A 101 13.02 -7.13 12.38
N GLY A 102 13.66 -8.26 12.10
CA GLY A 102 13.71 -9.31 13.08
C GLY A 102 13.83 -10.71 12.51
N PHE A 103 13.84 -11.70 13.39
CA PHE A 103 13.91 -13.07 12.93
C PHE A 103 12.48 -13.57 12.78
N PHE A 104 12.12 -13.81 11.53
CA PHE A 104 10.78 -14.25 11.16
C PHE A 104 10.58 -15.76 11.22
N VAL A 105 9.35 -16.13 11.57
CA VAL A 105 8.94 -17.53 11.62
C VAL A 105 7.60 -17.57 10.90
N ARG A 106 7.18 -18.75 10.45
CA ARG A 106 5.89 -18.89 9.78
C ARG A 106 4.81 -18.61 10.84
N ASP A 107 3.68 -18.05 10.42
CA ASP A 107 2.61 -17.76 11.36
C ASP A 107 2.17 -19.01 12.13
N ASP A 108 2.17 -20.15 11.45
CA ASP A 108 1.74 -21.40 12.11
C ASP A 108 2.81 -22.04 12.98
N SER A 109 3.93 -21.34 13.18
CA SER A 109 4.99 -21.89 14.02
C SER A 109 4.62 -21.77 15.48
N PRO A 110 4.96 -22.78 16.29
CA PRO A 110 4.65 -22.73 17.72
C PRO A 110 5.56 -21.75 18.45
N ILE A 111 6.51 -21.17 17.72
CA ILE A 111 7.44 -20.20 18.30
C ILE A 111 6.74 -18.84 18.37
N THR A 112 6.49 -18.35 19.57
CA THR A 112 5.83 -17.06 19.72
C THR A 112 6.64 -16.08 20.57
N ALA A 113 7.56 -16.60 21.37
CA ALA A 113 8.39 -15.75 22.22
C ALA A 113 9.87 -16.04 21.97
N ALA A 114 10.73 -15.09 22.29
CA ALA A 114 12.17 -15.26 22.09
C ALA A 114 12.67 -16.52 22.78
N ALA A 115 12.14 -16.80 23.97
CA ALA A 115 12.56 -17.98 24.72
C ALA A 115 12.32 -19.27 23.93
N ASP A 116 11.31 -19.26 23.05
CA ASP A 116 10.98 -20.43 22.25
C ASP A 116 12.04 -20.74 21.20
N LEU A 117 13.02 -19.86 21.05
CA LEU A 117 14.08 -20.07 20.06
C LEU A 117 15.17 -21.00 20.59
N ALA A 118 15.11 -21.32 21.89
CA ALA A 118 16.10 -22.19 22.49
C ALA A 118 16.19 -23.51 21.74
N GLY A 119 17.40 -23.87 21.34
CA GLY A 119 17.62 -25.12 20.62
C GLY A 119 17.05 -25.17 19.21
N ARG A 120 16.46 -24.08 18.73
CA ARG A 120 15.88 -24.07 17.40
C ARG A 120 16.89 -23.77 16.29
N ARG A 121 16.50 -24.05 15.06
CA ARG A 121 17.37 -23.86 13.91
C ARG A 121 17.25 -22.44 13.32
N ILE A 122 18.30 -21.65 13.54
CA ILE A 122 18.32 -20.29 13.05
C ILE A 122 19.08 -20.20 11.73
N GLY A 123 18.37 -19.87 10.67
CA GLY A 123 19.01 -19.74 9.38
C GLY A 123 19.73 -18.41 9.31
N VAL A 124 21.03 -18.45 9.03
CA VAL A 124 21.84 -17.25 8.91
C VAL A 124 22.90 -17.42 7.83
N SER A 125 23.31 -16.31 7.23
CA SER A 125 24.34 -16.35 6.19
C SER A 125 25.68 -16.84 6.76
N ALA A 126 26.54 -17.32 5.86
CA ALA A 126 27.86 -17.78 6.27
C ALA A 126 28.60 -16.60 6.89
N SER A 127 28.34 -15.39 6.38
CA SER A 127 28.98 -14.19 6.92
C SER A 127 28.58 -13.99 8.37
N ALA A 128 27.29 -14.08 8.65
CA ALA A 128 26.80 -13.91 10.02
C ALA A 128 27.36 -14.99 10.93
N ILE A 129 27.51 -16.21 10.40
CA ILE A 129 28.04 -17.29 11.21
C ILE A 129 29.48 -16.98 11.64
N ARG A 130 30.29 -16.41 10.73
CA ARG A 130 31.66 -16.07 11.10
C ARG A 130 31.67 -15.09 12.26
N ILE A 131 30.83 -14.06 12.17
CA ILE A 131 30.75 -13.04 13.21
C ILE A 131 30.20 -13.61 14.52
N LEU A 132 29.10 -14.36 14.44
CA LEU A 132 28.50 -14.94 15.63
C LEU A 132 29.43 -15.93 16.33
N ARG A 133 30.30 -16.59 15.57
CA ARG A 133 31.25 -17.55 16.15
C ARG A 133 32.52 -16.86 16.63
N GLY A 134 32.71 -15.61 16.21
CA GLY A 134 33.90 -14.88 16.60
C GLY A 134 35.11 -15.47 15.88
N GLN A 135 34.86 -16.04 14.70
CA GLN A 135 35.90 -16.66 13.90
C GLN A 135 35.81 -16.14 12.46
N LEU A 136 36.50 -15.04 12.19
CA LEU A 136 36.47 -14.41 10.87
C LEU A 136 37.25 -15.11 9.78
N GLY A 137 38.08 -16.08 10.15
CA GLY A 137 38.85 -16.80 9.14
C GLY A 137 39.73 -15.94 8.26
N ASP A 138 39.58 -16.07 6.95
CA ASP A 138 40.38 -15.33 5.98
C ASP A 138 39.92 -13.90 5.69
N TYR A 139 39.01 -13.39 6.52
CA TYR A 139 38.48 -12.04 6.35
C TYR A 139 39.47 -10.99 5.84
N LEU A 140 40.58 -10.82 6.55
CA LEU A 140 41.58 -9.82 6.18
C LEU A 140 42.29 -10.09 4.86
N GLU A 141 42.14 -11.28 4.31
CA GLU A 141 42.79 -11.63 3.05
C GLU A 141 41.87 -11.51 1.84
N LEU A 142 40.58 -11.31 2.09
CA LEU A 142 39.59 -11.21 1.01
C LEU A 142 39.65 -9.94 0.19
N ASP A 143 39.19 -10.04 -1.05
CA ASP A 143 39.14 -8.88 -1.94
C ASP A 143 38.03 -8.00 -1.36
N PRO A 144 38.02 -6.70 -1.71
CA PRO A 144 37.02 -5.76 -1.21
C PRO A 144 35.56 -6.21 -1.26
N TRP A 145 35.13 -6.79 -2.38
CA TRP A 145 33.75 -7.22 -2.49
C TRP A 145 33.38 -8.31 -1.50
N ARG A 146 34.13 -9.41 -1.51
CA ARG A 146 33.84 -10.52 -0.61
C ARG A 146 34.09 -10.14 0.85
N GLN A 147 35.07 -9.28 1.08
CA GLN A 147 35.39 -8.86 2.44
C GLN A 147 34.22 -8.08 3.03
N THR A 148 33.67 -7.14 2.26
CA THR A 148 32.56 -6.34 2.75
C THR A 148 31.35 -7.24 2.98
N LEU A 149 31.15 -8.22 2.11
CA LEU A 149 30.02 -9.13 2.28
C LEU A 149 30.08 -9.87 3.62
N VAL A 150 31.30 -10.13 4.11
CA VAL A 150 31.40 -10.81 5.41
C VAL A 150 30.90 -9.85 6.48
N ALA A 151 31.32 -8.58 6.37
CA ALA A 151 30.90 -7.57 7.34
C ALA A 151 29.40 -7.32 7.32
N LEU A 152 28.76 -7.52 6.17
CA LEU A 152 27.32 -7.30 6.08
C LEU A 152 26.56 -8.36 6.87
N GLY A 153 27.30 -9.36 7.36
CA GLY A 153 26.69 -10.39 8.18
C GLY A 153 26.33 -9.79 9.53
N SER A 154 26.75 -8.55 9.74
CA SER A 154 26.49 -7.83 10.99
C SER A 154 25.01 -7.61 11.29
N TRP A 155 24.20 -7.37 10.25
CA TRP A 155 22.78 -7.12 10.47
C TRP A 155 22.14 -8.31 11.18
N GLU A 156 22.38 -9.51 10.64
CA GLU A 156 21.83 -10.73 11.23
C GLU A 156 22.42 -10.97 12.61
N ALA A 157 23.74 -10.80 12.73
CA ALA A 157 24.42 -11.04 13.99
C ALA A 157 23.87 -10.19 15.14
N ARG A 158 23.83 -8.87 14.95
CA ARG A 158 23.33 -8.00 16.00
C ARG A 158 21.85 -8.25 16.26
N ALA A 159 21.09 -8.49 15.20
CA ALA A 159 19.66 -8.75 15.34
C ALA A 159 19.41 -10.02 16.16
N LEU A 160 20.22 -11.06 15.92
CA LEU A 160 20.04 -12.30 16.67
C LEU A 160 20.41 -12.12 18.13
N LEU A 161 21.51 -11.43 18.39
CA LEU A 161 21.93 -11.18 19.77
C LEU A 161 20.84 -10.43 20.53
N HIS A 162 20.33 -9.36 19.92
CA HIS A 162 19.28 -8.57 20.55
C HIS A 162 18.01 -9.40 20.77
N THR A 163 17.65 -10.18 19.76
CA THR A 163 16.46 -11.01 19.84
C THR A 163 16.58 -12.03 20.98
N LEU A 164 17.69 -12.77 21.01
CA LEU A 164 17.88 -13.78 22.05
C LEU A 164 17.90 -13.20 23.46
N GLU A 165 18.36 -11.96 23.60
CA GLU A 165 18.41 -11.31 24.90
C GLU A 165 17.02 -11.31 25.54
N HIS A 166 15.99 -11.19 24.70
CA HIS A 166 14.61 -11.17 25.16
C HIS A 166 14.18 -12.46 25.83
N GLY A 167 14.83 -13.56 25.48
CA GLY A 167 14.49 -14.84 26.09
C GLY A 167 15.59 -15.30 27.01
N GLU A 168 16.46 -14.36 27.41
CA GLU A 168 17.58 -14.67 28.28
C GLU A 168 18.40 -15.81 27.68
N LEU A 169 18.60 -15.73 26.36
CA LEU A 169 19.37 -16.73 25.64
C LEU A 169 20.60 -16.11 24.99
N GLY A 170 21.55 -16.96 24.63
CA GLY A 170 22.76 -16.51 23.97
C GLY A 170 22.90 -17.30 22.69
N VAL A 171 23.93 -16.99 21.89
CA VAL A 171 24.14 -17.71 20.64
C VAL A 171 24.39 -19.20 20.85
N ASP A 172 24.97 -19.56 22.00
CA ASP A 172 25.25 -20.96 22.28
C ASP A 172 23.98 -21.78 22.55
N ASP A 173 22.85 -21.09 22.69
CA ASP A 173 21.60 -21.77 22.97
C ASP A 173 20.79 -22.12 21.72
N VAL A 174 21.33 -21.81 20.54
CA VAL A 174 20.60 -22.11 19.31
C VAL A 174 21.49 -22.82 18.28
N GLU A 175 20.87 -23.26 17.19
CA GLU A 175 21.57 -23.97 16.12
C GLU A 175 21.70 -23.02 14.91
N LEU A 176 22.92 -22.69 14.53
CA LEU A 176 23.13 -21.81 13.39
C LEU A 176 23.22 -22.64 12.11
N VAL A 177 22.29 -22.42 11.20
CA VAL A 177 22.25 -23.15 9.93
C VAL A 177 22.49 -22.22 8.76
N PRO A 178 23.50 -22.52 7.92
CA PRO A 178 23.80 -21.66 6.77
C PRO A 178 22.67 -21.57 5.73
N ILE A 179 22.33 -20.35 5.36
CA ILE A 179 21.33 -20.09 4.33
C ILE A 179 21.78 -18.86 3.56
N SER A 180 21.07 -18.54 2.48
CA SER A 180 21.39 -17.37 1.69
C SER A 180 20.59 -16.19 2.26
N SER A 181 21.25 -15.07 2.46
CA SER A 181 20.58 -13.87 2.98
C SER A 181 20.76 -12.75 1.97
N PRO A 182 19.67 -12.03 1.66
CA PRO A 182 19.73 -10.92 0.69
C PRO A 182 20.70 -9.80 1.04
N GLY A 183 21.57 -9.46 0.09
CA GLY A 183 22.53 -8.40 0.31
C GLY A 183 23.82 -8.89 0.94
N VAL A 184 23.77 -10.09 1.51
CA VAL A 184 24.96 -10.66 2.14
C VAL A 184 25.57 -11.67 1.20
N ASP A 185 24.71 -12.47 0.58
CA ASP A 185 25.16 -13.48 -0.36
C ASP A 185 24.89 -12.92 -1.76
N VAL A 186 25.92 -12.31 -2.33
CA VAL A 186 25.84 -11.72 -3.65
C VAL A 186 27.09 -12.10 -4.43
N PRO A 187 27.07 -13.25 -5.11
CA PRO A 187 28.23 -13.71 -5.89
C PRO A 187 28.61 -12.66 -6.93
N ALA A 188 29.90 -12.60 -7.26
CA ALA A 188 30.39 -11.64 -8.24
C ALA A 188 29.65 -11.80 -9.57
N GLU A 189 29.30 -13.03 -9.90
CA GLU A 189 28.61 -13.33 -11.15
C GLU A 189 27.21 -12.72 -11.16
N GLN A 190 26.54 -12.77 -10.01
CA GLN A 190 25.20 -12.21 -9.90
C GLN A 190 25.27 -10.69 -10.10
N LEU A 191 26.27 -10.07 -9.49
CA LEU A 191 26.45 -8.62 -9.61
C LEU A 191 26.73 -8.23 -11.06
N GLU A 192 27.73 -8.88 -11.63
CA GLU A 192 28.13 -8.59 -13.01
C GLU A 192 27.03 -8.85 -14.04
N GLU A 193 26.13 -9.78 -13.73
CA GLU A 193 25.04 -10.10 -14.64
C GLU A 193 23.85 -9.17 -14.47
N SER A 194 23.79 -8.47 -13.33
CA SER A 194 22.69 -7.56 -13.06
C SER A 194 22.86 -6.29 -13.91
N ALA A 195 21.75 -5.80 -14.44
CA ALA A 195 21.76 -4.60 -15.27
C ALA A 195 22.34 -3.42 -14.49
N THR A 196 21.87 -3.24 -13.27
CA THR A 196 22.32 -2.15 -12.42
C THR A 196 22.35 -2.63 -10.97
N VAL A 197 22.77 -1.74 -10.07
CA VAL A 197 22.81 -2.09 -8.66
C VAL A 197 21.52 -1.72 -7.95
N LYS A 198 20.51 -1.33 -8.72
CA LYS A 198 19.21 -0.98 -8.15
C LYS A 198 18.64 -2.26 -7.55
N GLY A 199 17.93 -2.12 -6.43
CA GLY A 199 17.35 -3.29 -5.79
C GLY A 199 16.48 -4.12 -6.71
N ALA A 200 15.75 -3.47 -7.61
CA ALA A 200 14.89 -4.16 -8.55
C ALA A 200 15.66 -5.14 -9.44
N ASP A 201 16.91 -4.81 -9.73
CA ASP A 201 17.73 -5.68 -10.58
C ASP A 201 18.60 -6.66 -9.78
N LEU A 202 19.25 -6.15 -8.74
CA LEU A 202 20.14 -6.96 -7.92
C LEU A 202 19.47 -7.85 -6.88
N PHE A 203 18.34 -7.40 -6.35
CA PHE A 203 17.62 -8.16 -5.31
C PHE A 203 16.17 -8.43 -5.68
N PRO A 204 15.95 -9.17 -6.77
CA PRO A 204 14.57 -9.46 -7.17
C PRO A 204 13.90 -10.55 -6.33
N ASP A 205 12.62 -10.34 -6.05
CA ASP A 205 11.82 -11.29 -5.28
C ASP A 205 12.50 -11.89 -4.05
N VAL A 206 12.95 -11.02 -3.15
CA VAL A 206 13.61 -11.48 -1.94
C VAL A 206 12.69 -12.26 -1.01
N ALA A 207 11.53 -11.68 -0.70
CA ALA A 207 10.57 -12.31 0.20
C ALA A 207 10.15 -13.70 -0.26
N ARG A 208 9.99 -13.88 -1.56
CA ARG A 208 9.59 -15.16 -2.12
C ARG A 208 10.65 -16.21 -1.76
N GLY A 209 11.92 -15.81 -1.84
CA GLY A 209 13.00 -16.72 -1.51
C GLY A 209 13.06 -17.01 -0.03
N GLN A 210 12.80 -16.00 0.79
CA GLN A 210 12.85 -16.19 2.24
C GLN A 210 11.69 -17.06 2.70
N ALA A 211 10.53 -16.88 2.08
CA ALA A 211 9.36 -17.67 2.43
C ALA A 211 9.66 -19.14 2.11
N ALA A 212 10.41 -19.38 1.03
CA ALA A 212 10.75 -20.75 0.66
C ALA A 212 11.68 -21.36 1.71
N VAL A 213 12.61 -20.57 2.23
CA VAL A 213 13.52 -21.09 3.26
C VAL A 213 12.70 -21.50 4.48
N LEU A 214 11.75 -20.67 4.88
CA LEU A 214 10.92 -20.97 6.04
C LEU A 214 9.97 -22.14 5.78
N ALA A 215 9.74 -22.47 4.51
CA ALA A 215 8.85 -23.57 4.17
C ALA A 215 9.63 -24.84 3.86
N SER A 216 10.95 -24.75 3.91
CA SER A 216 11.81 -25.89 3.58
C SER A 216 11.80 -27.01 4.62
N GLY A 217 11.43 -26.66 5.85
CA GLY A 217 11.42 -27.65 6.92
C GLY A 217 12.78 -27.84 7.56
N ASP A 218 13.78 -27.08 7.09
CA ASP A 218 15.13 -27.21 7.64
C ASP A 218 15.57 -26.03 8.49
N VAL A 219 14.73 -25.00 8.56
CA VAL A 219 15.02 -23.81 9.34
C VAL A 219 13.78 -23.39 10.11
N ASP A 220 13.98 -22.83 11.30
CA ASP A 220 12.85 -22.39 12.12
C ASP A 220 12.67 -20.88 12.04
N ALA A 221 13.73 -20.15 11.75
CA ALA A 221 13.62 -18.70 11.64
C ALA A 221 14.79 -18.14 10.84
N LEU A 222 14.57 -16.96 10.26
CA LEU A 222 15.62 -16.29 9.50
C LEU A 222 15.43 -14.78 9.64
N TYR A 223 16.48 -14.02 9.36
CA TYR A 223 16.45 -12.57 9.49
C TYR A 223 15.92 -11.84 8.25
N SER A 224 15.00 -10.90 8.47
CA SER A 224 14.49 -10.10 7.36
C SER A 224 14.25 -8.69 7.86
N TRP A 225 14.37 -7.74 6.94
CA TRP A 225 14.18 -6.33 7.26
C TRP A 225 13.97 -5.59 5.94
N LEU A 226 13.90 -4.25 6.00
CA LEU A 226 13.68 -3.44 4.81
C LEU A 226 12.31 -3.83 4.23
N PRO A 227 11.96 -3.33 3.02
CA PRO A 227 10.65 -3.71 2.49
C PRO A 227 10.51 -5.21 2.29
N TRP A 228 11.64 -5.91 2.20
CA TRP A 228 11.61 -7.35 2.03
C TRP A 228 10.83 -7.99 3.18
N ALA A 229 11.05 -7.49 4.39
CA ALA A 229 10.36 -8.00 5.57
C ALA A 229 8.86 -7.77 5.45
N GLY A 230 8.49 -6.65 4.84
CA GLY A 230 7.09 -6.33 4.66
C GLY A 230 6.41 -7.35 3.76
N GLU A 231 7.09 -7.73 2.69
CA GLU A 231 6.53 -8.71 1.76
C GLU A 231 6.58 -10.10 2.37
N LEU A 232 7.60 -10.39 3.18
CA LEU A 232 7.70 -11.69 3.80
C LEU A 232 6.53 -11.87 4.76
N GLN A 233 6.28 -10.84 5.55
CA GLN A 233 5.19 -10.85 6.50
C GLN A 233 3.87 -11.17 5.79
N ALA A 234 3.70 -10.59 4.59
CA ALA A 234 2.49 -10.78 3.80
C ALA A 234 2.27 -12.21 3.32
N THR A 235 3.34 -13.01 3.30
CA THR A 235 3.21 -14.40 2.85
C THR A 235 2.67 -15.25 4.00
N GLY A 236 2.57 -14.64 5.18
CA GLY A 236 2.09 -15.36 6.34
C GLY A 236 3.24 -15.69 7.29
N ALA A 237 4.03 -14.69 7.64
CA ALA A 237 5.16 -14.86 8.54
C ALA A 237 5.18 -13.69 9.52
N ARG A 238 5.89 -13.84 10.63
CA ARG A 238 5.96 -12.78 11.64
C ARG A 238 7.28 -12.80 12.39
N PRO A 239 7.74 -11.64 12.86
CA PRO A 239 8.99 -11.57 13.60
C PRO A 239 8.75 -12.02 15.03
N VAL A 240 9.67 -12.80 15.58
CA VAL A 240 9.53 -13.27 16.95
C VAL A 240 9.58 -12.04 17.86
N VAL A 241 10.46 -11.12 17.50
CA VAL A 241 10.60 -9.84 18.22
C VAL A 241 10.75 -8.79 17.13
N ASP A 242 9.87 -7.80 17.10
CA ASP A 242 9.99 -6.76 16.09
C ASP A 242 11.04 -5.77 16.55
N LEU A 243 12.25 -5.92 16.02
CA LEU A 243 13.36 -5.06 16.37
C LEU A 243 13.13 -3.62 15.90
N GLY A 244 12.17 -3.44 15.01
CA GLY A 244 11.86 -2.12 14.51
C GLY A 244 11.28 -1.22 15.59
N LEU A 245 10.88 -1.83 16.71
CA LEU A 245 10.27 -1.07 17.81
C LEU A 245 11.31 -0.52 18.79
N ASP A 246 12.57 -0.83 18.59
CA ASP A 246 13.64 -0.35 19.47
C ASP A 246 14.73 0.29 18.62
N GLU A 247 15.05 1.54 18.92
CA GLU A 247 16.06 2.27 18.17
C GLU A 247 17.48 1.70 18.24
N ARG A 248 17.72 0.74 19.13
CA ARG A 248 19.07 0.17 19.20
C ARG A 248 19.31 -0.71 17.98
N ASN A 249 18.28 -0.87 17.15
CA ASN A 249 18.38 -1.68 15.95
C ASN A 249 18.42 -0.83 14.69
N ALA A 250 18.50 0.49 14.87
CA ALA A 250 18.55 1.40 13.74
C ALA A 250 19.96 1.45 13.18
N TYR A 251 20.06 1.89 11.93
CA TYR A 251 21.34 2.05 11.25
C TYR A 251 21.35 3.46 10.68
N ALA A 252 22.54 3.94 10.34
CA ALA A 252 22.68 5.28 9.79
C ALA A 252 23.08 5.23 8.32
N SER A 253 22.11 5.43 7.43
CA SER A 253 22.43 5.42 6.01
C SER A 253 23.29 6.65 5.78
N VAL A 254 24.34 6.51 4.97
CA VAL A 254 25.24 7.63 4.72
C VAL A 254 25.30 8.04 3.26
N TRP A 255 25.45 9.33 3.05
CA TRP A 255 25.54 9.90 1.72
C TRP A 255 26.98 10.34 1.50
N THR A 256 27.65 9.69 0.57
CA THR A 256 29.04 9.99 0.28
C THR A 256 29.22 10.52 -1.13
N VAL A 257 30.34 11.21 -1.35
CA VAL A 257 30.68 11.75 -2.66
C VAL A 257 32.20 11.68 -2.77
N SER A 258 32.71 11.57 -3.99
CA SER A 258 34.15 11.52 -4.21
C SER A 258 34.79 12.75 -3.58
N SER A 259 35.85 12.55 -2.81
CA SER A 259 36.52 13.65 -2.12
C SER A 259 37.00 14.74 -3.08
N GLY A 260 37.41 14.33 -4.28
CA GLY A 260 37.87 15.29 -5.27
C GLY A 260 36.82 16.30 -5.64
N LEU A 261 35.54 15.89 -5.67
CA LEU A 261 34.47 16.81 -6.02
C LEU A 261 34.31 17.87 -4.95
N VAL A 262 34.48 17.49 -3.70
CA VAL A 262 34.36 18.44 -2.61
C VAL A 262 35.45 19.49 -2.71
N ARG A 263 36.67 19.05 -2.95
CA ARG A 263 37.80 19.98 -3.06
C ARG A 263 37.83 20.79 -4.35
N GLN A 264 37.52 20.13 -5.46
CA GLN A 264 37.59 20.76 -6.78
C GLN A 264 36.31 21.40 -7.31
N ARG A 265 35.17 20.83 -6.98
CA ARG A 265 33.89 21.35 -7.46
C ARG A 265 32.88 21.58 -6.33
N PRO A 266 33.24 22.42 -5.34
CA PRO A 266 32.32 22.68 -4.23
C PRO A 266 30.98 23.26 -4.68
N GLY A 267 31.00 24.01 -5.77
CA GLY A 267 29.77 24.59 -6.28
C GLY A 267 28.80 23.50 -6.71
N LEU A 268 29.33 22.47 -7.37
CA LEU A 268 28.53 21.35 -7.82
C LEU A 268 27.98 20.57 -6.63
N VAL A 269 28.84 20.32 -5.64
CA VAL A 269 28.43 19.59 -4.46
C VAL A 269 27.35 20.37 -3.70
N GLN A 270 27.49 21.69 -3.66
CA GLN A 270 26.50 22.51 -2.96
C GLN A 270 25.15 22.42 -3.68
N ARG A 271 25.18 22.43 -5.00
CA ARG A 271 23.95 22.33 -5.79
C ARG A 271 23.32 20.97 -5.53
N LEU A 272 24.17 19.94 -5.43
CA LEU A 272 23.73 18.57 -5.18
C LEU A 272 23.04 18.46 -3.83
N VAL A 273 23.67 19.00 -2.80
CA VAL A 273 23.11 18.95 -1.45
C VAL A 273 21.86 19.81 -1.35
N ASP A 274 21.86 20.99 -1.98
CA ASP A 274 20.68 21.85 -1.95
C ASP A 274 19.49 21.13 -2.56
N ALA A 275 19.74 20.41 -3.66
CA ALA A 275 18.69 19.69 -4.35
C ALA A 275 18.13 18.56 -3.48
N ALA A 276 19.01 17.88 -2.75
CA ALA A 276 18.59 16.78 -1.88
C ALA A 276 17.77 17.31 -0.70
N VAL A 277 18.17 18.47 -0.19
CA VAL A 277 17.44 19.07 0.92
C VAL A 277 16.06 19.52 0.45
N ASP A 278 16.00 20.13 -0.73
CA ASP A 278 14.72 20.57 -1.27
C ASP A 278 13.82 19.36 -1.53
N ALA A 279 14.42 18.30 -2.05
CA ALA A 279 13.68 17.07 -2.33
C ALA A 279 13.16 16.50 -1.02
N GLY A 280 14.00 16.57 0.02
CA GLY A 280 13.61 16.06 1.33
C GLY A 280 12.46 16.85 1.92
N LEU A 281 12.45 18.16 1.68
CA LEU A 281 11.38 19.01 2.19
C LEU A 281 10.10 18.74 1.40
N TRP A 282 10.27 18.59 0.09
CA TRP A 282 9.17 18.31 -0.83
C TRP A 282 8.50 16.98 -0.49
N ALA A 283 9.31 15.99 -0.10
CA ALA A 283 8.81 14.67 0.24
C ALA A 283 7.75 14.67 1.34
N ARG A 284 7.86 15.61 2.28
CA ARG A 284 6.92 15.70 3.38
C ARG A 284 5.48 15.89 2.92
N ASP A 285 5.30 16.51 1.75
CA ASP A 285 3.96 16.75 1.22
C ASP A 285 3.61 15.88 0.02
N HIS A 286 4.48 14.94 -0.32
CA HIS A 286 4.24 14.04 -1.43
C HIS A 286 4.60 12.61 -1.06
N SER A 287 4.05 12.17 0.06
CA SER A 287 4.30 10.83 0.59
C SER A 287 4.08 9.71 -0.42
N ASP A 288 2.96 9.73 -1.12
CA ASP A 288 2.67 8.68 -2.09
C ASP A 288 3.71 8.60 -3.20
N ALA A 289 4.11 9.75 -3.74
CA ALA A 289 5.09 9.77 -4.83
C ALA A 289 6.43 9.23 -4.35
N VAL A 290 6.81 9.60 -3.13
CA VAL A 290 8.07 9.14 -2.56
C VAL A 290 8.03 7.63 -2.32
N THR A 291 6.87 7.14 -1.85
CA THR A 291 6.71 5.71 -1.63
C THR A 291 6.87 4.98 -2.95
N SER A 292 6.20 5.49 -3.99
CA SER A 292 6.24 4.88 -5.32
C SER A 292 7.62 4.82 -5.95
N LEU A 293 8.39 5.92 -5.87
CA LEU A 293 9.71 5.91 -6.47
C LEU A 293 10.66 4.96 -5.76
N HIS A 294 10.49 4.80 -4.44
CA HIS A 294 11.33 3.87 -3.69
C HIS A 294 10.91 2.43 -4.03
N ALA A 295 9.61 2.22 -4.11
CA ALA A 295 9.09 0.89 -4.44
C ALA A 295 9.57 0.43 -5.81
N ALA A 296 9.58 1.35 -6.77
CA ALA A 296 10.02 1.02 -8.13
C ALA A 296 11.52 0.74 -8.15
N ASN A 297 12.27 1.54 -7.41
CA ASN A 297 13.71 1.38 -7.35
C ASN A 297 14.11 0.04 -6.74
N LEU A 298 13.40 -0.37 -5.69
CA LEU A 298 13.69 -1.63 -5.01
C LEU A 298 13.00 -2.84 -5.62
N GLY A 299 11.96 -2.60 -6.42
CA GLY A 299 11.25 -3.70 -7.04
C GLY A 299 10.35 -4.41 -6.03
N VAL A 300 9.72 -3.63 -5.17
CA VAL A 300 8.84 -4.19 -4.14
C VAL A 300 7.48 -3.49 -4.19
N SER A 301 6.53 -4.01 -3.43
CA SER A 301 5.20 -3.43 -3.38
C SER A 301 5.24 -2.10 -2.63
N THR A 302 4.31 -1.22 -2.95
CA THR A 302 4.28 0.09 -2.30
C THR A 302 3.99 -0.04 -0.80
N GLY A 303 3.16 -1.01 -0.44
CA GLY A 303 2.84 -1.20 0.96
C GLY A 303 4.02 -1.66 1.80
N ALA A 304 4.89 -2.45 1.19
CA ALA A 304 6.07 -2.96 1.91
C ALA A 304 7.09 -1.86 2.22
N VAL A 305 7.08 -0.79 1.43
CA VAL A 305 8.00 0.32 1.66
C VAL A 305 7.74 0.95 3.02
N GLY A 306 6.47 1.21 3.32
CA GLY A 306 6.11 1.82 4.58
C GLY A 306 6.41 0.90 5.75
N GLN A 307 6.24 -0.40 5.53
CA GLN A 307 6.51 -1.36 6.58
C GLN A 307 8.01 -1.46 6.83
N GLY A 308 8.78 -1.47 5.75
CA GLY A 308 10.22 -1.59 5.89
C GLY A 308 10.97 -0.34 6.34
N PHE A 309 10.44 0.83 6.02
CA PHE A 309 11.09 2.09 6.39
C PHE A 309 10.39 2.88 7.48
N GLY A 310 9.18 2.47 7.85
CA GLY A 310 8.43 3.20 8.85
C GLY A 310 7.36 4.01 8.15
N ALA A 311 6.17 4.05 8.74
CA ALA A 311 5.02 4.74 8.16
C ALA A 311 5.21 6.19 7.71
N ASP A 312 6.04 6.95 8.40
CA ASP A 312 6.24 8.34 8.01
C ASP A 312 7.68 8.66 7.67
N PHE A 313 8.35 7.72 7.02
CA PHE A 313 9.75 7.91 6.64
C PHE A 313 9.90 9.10 5.70
N GLN A 314 8.84 9.42 4.97
CA GLN A 314 8.86 10.55 4.02
C GLN A 314 9.04 11.89 4.73
N GLN A 315 8.86 11.90 6.05
CA GLN A 315 9.00 13.11 6.83
C GLN A 315 10.42 13.26 7.36
N ARG A 316 11.21 12.22 7.18
CA ARG A 316 12.59 12.21 7.68
C ARG A 316 13.64 12.02 6.59
N LEU A 317 13.43 12.66 5.45
CA LEU A 317 14.36 12.52 4.33
C LEU A 317 15.40 13.63 4.19
N VAL A 318 15.26 14.72 4.92
CA VAL A 318 16.26 15.78 4.82
C VAL A 318 17.51 15.24 5.54
N PRO A 319 18.64 15.13 4.81
CA PRO A 319 19.88 14.61 5.40
C PRO A 319 20.29 15.34 6.68
N ARG A 320 20.96 14.62 7.58
CA ARG A 320 21.40 15.16 8.85
C ARG A 320 22.88 14.92 9.17
N LEU A 321 23.45 15.82 9.96
CA LEU A 321 24.83 15.69 10.40
C LEU A 321 24.93 16.16 11.85
N ASP A 322 23.77 16.18 12.54
CA ASP A 322 23.74 16.58 13.93
C ASP A 322 24.39 15.50 14.78
N HIS A 323 24.67 15.80 16.04
CA HIS A 323 25.33 14.85 16.95
C HIS A 323 24.60 13.52 17.10
N ASP A 324 23.28 13.55 17.12
CA ASP A 324 22.48 12.33 17.27
C ASP A 324 22.67 11.42 16.06
N ALA A 325 22.68 12.01 14.87
CA ALA A 325 22.86 11.24 13.65
C ALA A 325 24.25 10.63 13.63
N LEU A 326 25.25 11.43 14.01
CA LEU A 326 26.64 10.95 14.03
C LEU A 326 26.83 9.86 15.09
N ALA A 327 26.09 9.94 16.19
CA ALA A 327 26.21 8.95 17.25
C ALA A 327 25.68 7.59 16.77
N LEU A 328 24.65 7.62 15.94
CA LEU A 328 24.07 6.39 15.40
C LEU A 328 25.11 5.74 14.50
N LEU A 329 25.73 6.55 13.65
CA LEU A 329 26.75 6.05 12.73
C LEU A 329 27.91 5.48 13.54
N GLU A 330 28.28 6.18 14.61
CA GLU A 330 29.37 5.71 15.46
C GLU A 330 29.00 4.37 16.07
N ARG A 331 27.73 4.22 16.47
CA ARG A 331 27.27 2.97 17.06
C ARG A 331 27.52 1.78 16.13
N THR A 332 27.22 1.95 14.86
CA THR A 332 27.44 0.86 13.90
C THR A 332 28.93 0.61 13.78
N GLN A 333 29.72 1.68 13.73
CA GLN A 333 31.16 1.54 13.60
C GLN A 333 31.71 0.75 14.78
N GLN A 334 31.15 0.98 15.97
CA GLN A 334 31.63 0.25 17.14
C GLN A 334 31.33 -1.23 17.05
N PHE A 335 30.22 -1.60 16.43
CA PHE A 335 29.90 -3.02 16.30
C PHE A 335 30.97 -3.64 15.40
N LEU A 336 31.36 -2.92 14.36
CA LEU A 336 32.38 -3.42 13.44
C LEU A 336 33.74 -3.58 14.14
N LEU A 337 34.10 -2.58 14.94
CA LEU A 337 35.38 -2.62 15.66
C LEU A 337 35.40 -3.75 16.69
N THR A 338 34.36 -3.82 17.50
CA THR A 338 34.26 -4.84 18.53
C THR A 338 34.39 -6.24 17.94
N ASN A 339 33.77 -6.44 16.79
CA ASN A 339 33.79 -7.74 16.14
C ASN A 339 34.94 -7.97 15.16
N ASN A 340 35.95 -7.13 15.26
CA ASN A 340 37.16 -7.25 14.43
C ASN A 340 36.99 -7.07 12.93
N LEU A 341 35.88 -6.46 12.51
CA LEU A 341 35.65 -6.22 11.09
C LEU A 341 36.42 -4.97 10.69
N LEU A 342 36.70 -4.13 11.68
CA LEU A 342 37.49 -2.91 11.51
C LEU A 342 38.52 -2.96 12.63
N GLN A 343 39.72 -2.44 12.38
CA GLN A 343 40.76 -2.44 13.41
C GLN A 343 40.98 -1.03 13.94
N GLU A 344 40.90 -0.07 13.04
CA GLU A 344 41.07 1.35 13.34
C GLU A 344 39.79 2.05 12.88
N PRO A 345 39.22 2.91 13.74
CA PRO A 345 37.99 3.61 13.36
C PRO A 345 38.15 4.76 12.39
N VAL A 346 37.05 5.09 11.71
CA VAL A 346 37.03 6.21 10.79
C VAL A 346 36.72 7.41 11.67
N ALA A 347 37.43 8.52 11.46
CA ALA A 347 37.17 9.72 12.25
C ALA A 347 36.00 10.42 11.57
N LEU A 348 34.80 10.16 12.06
CA LEU A 348 33.59 10.73 11.46
C LEU A 348 33.61 12.24 11.26
N ASP A 349 34.15 12.98 12.22
CA ASP A 349 34.19 14.43 12.10
C ASP A 349 35.08 14.90 10.96
N GLN A 350 36.13 14.14 10.67
CA GLN A 350 37.06 14.46 9.59
C GLN A 350 36.46 14.00 8.26
N TRP A 351 35.77 12.86 8.30
CA TRP A 351 35.14 12.29 7.13
C TRP A 351 34.02 13.22 6.64
N ALA A 352 33.22 13.71 7.58
CA ALA A 352 32.12 14.60 7.24
C ALA A 352 32.59 15.93 6.64
N ALA A 353 31.76 16.47 5.76
CA ALA A 353 32.00 17.76 5.12
C ALA A 353 30.67 18.49 5.38
N PRO A 354 30.47 18.92 6.64
CA PRO A 354 29.26 19.62 7.12
C PRO A 354 28.94 20.99 6.51
N GLU A 355 29.93 21.62 5.90
CA GLU A 355 29.71 22.94 5.30
C GLU A 355 28.57 22.95 4.28
N PHE A 356 28.45 21.89 3.50
CA PHE A 356 27.42 21.81 2.47
C PHE A 356 26.01 21.76 3.04
N LEU A 357 25.75 20.78 3.90
CA LEU A 357 24.43 20.66 4.50
C LEU A 357 24.14 21.92 5.33
N ASN A 358 25.15 22.43 6.01
CA ASN A 358 24.97 23.63 6.83
C ASN A 358 24.54 24.81 5.96
N ASN A 359 25.18 24.97 4.81
CA ASN A 359 24.82 26.07 3.91
C ASN A 359 23.40 25.88 3.38
N SER A 360 23.02 24.64 3.09
CA SER A 360 21.69 24.34 2.57
C SER A 360 20.61 24.70 3.57
N LEU A 361 20.81 24.31 4.82
CA LEU A 361 19.83 24.56 5.86
C LEU A 361 19.79 26.03 6.29
N ASN A 362 20.78 26.81 5.87
CA ASN A 362 20.83 28.22 6.21
C ASN A 362 20.32 29.13 5.10
N ARG A 363 19.86 28.54 4.00
CA ARG A 363 19.34 29.32 2.89
C ARG A 363 18.10 30.12 3.31
N ILE B 18 -27.80 23.98 14.08
CA ILE B 18 -28.50 22.84 13.43
C ILE B 18 -29.98 22.87 13.75
N ARG B 19 -30.81 22.92 12.71
CA ARG B 19 -32.26 22.97 12.92
C ARG B 19 -32.95 21.72 12.38
N ASP B 20 -32.22 20.91 11.61
CA ASP B 20 -32.78 19.69 11.05
C ASP B 20 -31.79 18.54 11.08
N THR B 21 -32.28 17.34 11.39
CA THR B 21 -31.43 16.16 11.45
C THR B 21 -31.99 15.04 10.59
N LEU B 22 -31.12 14.45 9.77
CA LEU B 22 -31.53 13.34 8.91
C LEU B 22 -30.64 12.15 9.25
N THR B 23 -31.18 10.94 9.14
CA THR B 23 -30.38 9.76 9.35
C THR B 23 -29.77 9.50 7.98
N TYR B 24 -28.61 8.87 7.92
CA TYR B 24 -27.99 8.64 6.62
C TYR B 24 -26.95 7.54 6.63
N SER B 25 -26.45 7.26 5.45
CA SER B 25 -25.38 6.30 5.26
C SER B 25 -24.91 6.44 3.83
N ASN B 26 -23.71 5.97 3.57
CA ASN B 26 -23.18 5.99 2.22
C ASN B 26 -22.33 4.75 2.07
N SER B 27 -22.32 4.21 0.86
CA SER B 27 -21.52 3.04 0.56
C SER B 27 -20.09 3.53 0.38
N PRO B 28 -19.12 2.61 0.27
CA PRO B 28 -17.72 3.00 0.08
C PRO B 28 -17.51 3.50 -1.34
N VAL B 29 -18.23 4.55 -1.71
CA VAL B 29 -18.14 5.12 -3.05
C VAL B 29 -18.00 6.63 -2.98
N PRO B 30 -17.46 7.26 -4.03
CA PRO B 30 -17.30 8.71 -4.01
C PRO B 30 -18.68 9.36 -4.11
N ASN B 31 -18.98 10.28 -3.21
CA ASN B 31 -20.29 10.93 -3.22
C ASN B 31 -20.31 12.30 -2.55
N ALA B 32 -21.21 13.16 -3.01
CA ALA B 32 -21.32 14.51 -2.47
C ALA B 32 -22.03 14.63 -1.13
N LEU B 33 -22.76 13.60 -0.72
CA LEU B 33 -23.47 13.64 0.56
C LEU B 33 -22.42 13.63 1.67
N LEU B 34 -21.49 12.68 1.58
CA LEU B 34 -20.41 12.54 2.54
C LEU B 34 -19.54 13.80 2.48
N THR B 35 -19.24 14.24 1.27
CA THR B 35 -18.41 15.42 1.07
C THR B 35 -19.03 16.65 1.72
N ALA B 36 -20.31 16.89 1.42
CA ALA B 36 -21.02 18.03 1.99
C ALA B 36 -21.08 17.97 3.51
N SER B 37 -21.22 16.76 4.05
CA SER B 37 -21.30 16.59 5.49
C SER B 37 -19.98 16.89 6.20
N GLU B 38 -18.91 16.23 5.77
CA GLU B 38 -17.61 16.39 6.39
C GLU B 38 -16.93 17.74 6.12
N SER B 39 -17.33 18.42 5.05
CA SER B 39 -16.71 19.70 4.72
C SER B 39 -17.45 20.90 5.30
N GLY B 40 -18.58 20.65 5.96
CA GLY B 40 -19.33 21.72 6.58
C GLY B 40 -20.42 22.39 5.76
N PHE B 41 -20.68 21.92 4.55
CA PHE B 41 -21.72 22.53 3.73
C PHE B 41 -23.12 22.27 4.28
N LEU B 42 -23.33 21.09 4.85
CA LEU B 42 -24.63 20.79 5.43
C LEU B 42 -24.83 21.59 6.69
N ASP B 43 -23.75 21.77 7.45
CA ASP B 43 -23.83 22.56 8.69
C ASP B 43 -24.27 23.97 8.35
N ALA B 44 -23.73 24.52 7.26
CA ALA B 44 -24.06 25.87 6.82
C ALA B 44 -25.51 25.94 6.36
N ALA B 45 -26.06 24.78 6.00
CA ALA B 45 -27.44 24.69 5.53
C ALA B 45 -28.37 24.33 6.69
N GLY B 46 -27.81 24.24 7.89
CA GLY B 46 -28.61 23.93 9.07
C GLY B 46 -29.06 22.48 9.12
N ILE B 47 -28.28 21.60 8.50
CA ILE B 47 -28.60 20.18 8.46
C ILE B 47 -27.50 19.32 9.06
N GLU B 48 -27.88 18.39 9.93
CA GLU B 48 -26.90 17.48 10.53
C GLU B 48 -27.30 16.06 10.17
N LEU B 49 -26.32 15.22 9.89
CA LEU B 49 -26.59 13.84 9.52
C LEU B 49 -26.14 12.88 10.62
N ASP B 50 -27.03 11.95 10.97
CA ASP B 50 -26.72 10.93 11.97
C ASP B 50 -26.59 9.62 11.22
N VAL B 51 -25.37 9.10 11.14
CA VAL B 51 -25.13 7.85 10.43
C VAL B 51 -25.83 6.67 11.10
N LEU B 52 -26.28 5.72 10.28
CA LEU B 52 -26.97 4.56 10.80
C LEU B 52 -26.04 3.72 11.69
N SER B 53 -26.54 3.31 12.84
CA SER B 53 -25.76 2.47 13.74
C SER B 53 -25.85 1.06 13.16
N GLY B 54 -25.01 0.16 13.66
CA GLY B 54 -25.05 -1.21 13.18
C GLY B 54 -26.41 -1.81 13.50
N GLN B 55 -26.99 -1.39 14.62
CA GLN B 55 -28.29 -1.89 15.05
C GLN B 55 -29.45 -1.46 14.16
N GLN B 56 -29.26 -0.39 13.40
CA GLN B 56 -30.30 0.09 12.48
C GLN B 56 -29.75 -0.03 11.06
N GLY B 57 -28.65 -0.77 10.93
CA GLY B 57 -27.99 -0.94 9.65
C GLY B 57 -28.79 -1.47 8.48
N THR B 58 -29.81 -2.28 8.75
CA THR B 58 -30.60 -2.84 7.66
C THR B 58 -31.33 -1.77 6.85
N VAL B 59 -31.48 -0.58 7.42
CA VAL B 59 -32.16 0.51 6.71
C VAL B 59 -31.35 0.88 5.46
N HIS B 60 -30.07 0.56 5.48
CA HIS B 60 -29.18 0.82 4.34
C HIS B 60 -29.71 0.06 3.11
N PHE B 61 -30.47 -1.02 3.37
CA PHE B 61 -31.05 -1.84 2.31
C PHE B 61 -32.59 -1.73 2.24
N THR B 62 -33.24 -1.35 3.33
CA THR B 62 -34.70 -1.26 3.36
C THR B 62 -35.33 0.12 3.24
N TYR B 63 -34.58 1.17 3.58
CA TYR B 63 -35.05 2.55 3.50
C TYR B 63 -36.27 2.83 4.34
N ASP B 64 -36.52 1.96 5.32
CA ASP B 64 -37.68 2.08 6.17
C ASP B 64 -37.56 3.06 7.36
N GLN B 65 -37.37 4.33 7.03
CA GLN B 65 -37.28 5.41 8.02
C GLN B 65 -37.88 6.65 7.36
N PRO B 66 -38.44 7.56 8.15
CA PRO B 66 -39.08 8.80 7.68
C PRO B 66 -38.21 9.95 7.15
N ALA B 67 -36.98 10.06 7.64
CA ALA B 67 -36.09 11.14 7.21
C ALA B 67 -34.69 10.59 6.99
N TYR B 68 -34.60 9.62 6.09
CA TYR B 68 -33.33 8.96 5.79
C TYR B 68 -32.82 9.26 4.39
N THR B 69 -31.51 9.46 4.27
CA THR B 69 -30.93 9.72 2.96
C THR B 69 -29.66 8.88 2.81
N ARG B 70 -29.52 8.25 1.65
CA ARG B 70 -28.38 7.38 1.38
C ARG B 70 -27.79 7.68 0.01
N PHE B 71 -26.47 7.61 -0.07
CA PHE B 71 -25.79 7.80 -1.35
C PHE B 71 -24.88 6.59 -1.42
N GLY B 72 -25.20 5.64 -2.28
CA GLY B 72 -24.39 4.45 -2.39
C GLY B 72 -24.74 3.57 -3.57
N GLY B 73 -24.32 2.32 -3.50
CA GLY B 73 -24.56 1.35 -4.56
C GLY B 73 -26.03 1.29 -4.95
N GLU B 74 -26.29 1.10 -6.24
CA GLU B 74 -27.66 1.08 -6.74
C GLU B 74 -28.44 -0.22 -6.60
N ILE B 75 -27.77 -1.33 -6.35
CA ILE B 75 -28.50 -2.59 -6.25
C ILE B 75 -29.50 -2.65 -5.08
N PRO B 76 -29.09 -2.23 -3.87
CA PRO B 76 -30.06 -2.28 -2.77
C PRO B 76 -31.32 -1.44 -3.00
N PRO B 77 -31.17 -0.16 -3.38
CA PRO B 77 -32.38 0.63 -3.60
C PRO B 77 -33.23 0.14 -4.78
N LEU B 78 -32.59 -0.43 -5.79
CA LEU B 78 -33.34 -0.95 -6.94
C LEU B 78 -34.20 -2.12 -6.50
N LEU B 79 -33.66 -2.99 -5.66
CA LEU B 79 -34.42 -4.14 -5.18
C LEU B 79 -35.53 -3.69 -4.24
N SER B 80 -35.23 -2.72 -3.39
CA SER B 80 -36.25 -2.24 -2.45
C SER B 80 -37.42 -1.61 -3.22
N GLU B 81 -37.11 -0.74 -4.17
CA GLU B 81 -38.15 -0.08 -4.96
C GLU B 81 -38.83 -0.98 -5.98
N GLY B 82 -38.06 -1.86 -6.60
CA GLY B 82 -38.63 -2.71 -7.63
C GLY B 82 -39.13 -4.07 -7.19
N LEU B 83 -38.78 -4.49 -5.99
CA LEU B 83 -39.19 -5.80 -5.53
C LEU B 83 -39.95 -5.87 -4.22
N ARG B 84 -39.56 -5.06 -3.23
CA ARG B 84 -40.21 -5.13 -1.92
C ARG B 84 -41.13 -4.02 -1.44
N ALA B 85 -40.67 -2.78 -1.55
CA ALA B 85 -41.45 -1.66 -1.05
C ALA B 85 -41.42 -0.44 -1.95
N PRO B 86 -42.16 -0.49 -3.06
CA PRO B 86 -42.21 0.61 -4.01
C PRO B 86 -42.77 1.87 -3.35
N GLY B 87 -42.09 2.99 -3.56
CA GLY B 87 -42.56 4.25 -3.01
C GLY B 87 -41.85 4.84 -1.81
N ARG B 88 -41.02 4.04 -1.13
CA ARG B 88 -40.30 4.54 0.05
C ARG B 88 -39.32 5.66 -0.23
N THR B 89 -38.70 5.63 -1.40
CA THR B 89 -37.70 6.64 -1.73
C THR B 89 -37.87 7.35 -3.06
N ARG B 90 -37.16 8.47 -3.19
CA ARG B 90 -37.11 9.24 -4.42
C ARG B 90 -35.62 9.37 -4.75
N LEU B 91 -35.31 9.39 -6.03
CA LEU B 91 -33.92 9.49 -6.49
C LEU B 91 -33.55 10.96 -6.72
N LEU B 92 -32.56 11.45 -5.98
CA LEU B 92 -32.12 12.84 -6.10
C LEU B 92 -31.00 13.08 -7.09
N GLY B 93 -30.14 12.08 -7.28
CA GLY B 93 -29.03 12.25 -8.19
C GLY B 93 -28.20 11.00 -8.33
N ILE B 94 -27.29 11.03 -9.29
CA ILE B 94 -26.42 9.90 -9.59
C ILE B 94 -24.97 10.33 -9.75
N THR B 95 -24.06 9.47 -9.28
CA THR B 95 -22.64 9.72 -9.42
C THR B 95 -22.01 8.41 -9.84
N PRO B 96 -21.48 8.36 -11.08
CA PRO B 96 -20.85 7.13 -11.58
C PRO B 96 -19.70 6.67 -10.69
N LEU B 97 -19.43 5.38 -10.74
CA LEU B 97 -18.34 4.78 -9.98
C LEU B 97 -17.51 3.92 -10.92
N LEU B 98 -16.22 4.22 -11.01
CA LEU B 98 -15.32 3.44 -11.85
C LEU B 98 -13.88 3.67 -11.39
N GLY B 99 -13.18 2.59 -11.08
CA GLY B 99 -11.79 2.70 -10.64
C GLY B 99 -11.11 1.34 -10.71
N ARG B 100 -10.01 1.18 -9.99
CA ARG B 100 -9.29 -0.10 -9.99
C ARG B 100 -10.30 -1.20 -9.67
N GLN B 101 -10.38 -2.18 -10.56
CA GLN B 101 -11.35 -3.27 -10.39
C GLN B 101 -10.95 -4.51 -11.18
N GLY B 102 -11.13 -5.69 -10.60
CA GLY B 102 -10.81 -6.90 -11.31
C GLY B 102 -10.47 -8.08 -10.43
N PHE B 103 -10.10 -9.19 -11.06
CA PHE B 103 -9.73 -10.36 -10.30
C PHE B 103 -8.22 -10.33 -10.11
N PHE B 104 -7.83 -10.20 -8.85
CA PHE B 104 -6.42 -10.10 -8.48
C PHE B 104 -5.76 -11.44 -8.20
N VAL B 105 -4.49 -11.52 -8.55
CA VAL B 105 -3.69 -12.72 -8.32
C VAL B 105 -2.45 -12.27 -7.58
N ARG B 106 -1.75 -13.21 -6.95
CA ARG B 106 -0.54 -12.86 -6.22
C ARG B 106 0.52 -12.40 -7.22
N ASP B 107 1.49 -11.63 -6.74
CA ASP B 107 2.54 -11.15 -7.62
C ASP B 107 3.31 -12.30 -8.24
N ASP B 108 3.50 -13.37 -7.48
CA ASP B 108 4.25 -14.54 -7.95
C ASP B 108 3.40 -15.54 -8.74
N SER B 109 2.16 -15.17 -9.03
CA SER B 109 1.28 -16.07 -9.77
C SER B 109 1.70 -16.19 -11.24
N PRO B 110 1.59 -17.40 -11.81
CA PRO B 110 1.96 -17.62 -13.20
C PRO B 110 0.92 -17.00 -14.14
N ILE B 111 -0.19 -16.56 -13.56
CA ILE B 111 -1.26 -15.94 -14.32
C ILE B 111 -0.88 -14.51 -14.67
N THR B 112 -0.74 -14.22 -15.96
CA THR B 112 -0.40 -12.87 -16.40
C THR B 112 -1.43 -12.34 -17.39
N ALA B 113 -2.18 -13.25 -18.01
CA ALA B 113 -3.22 -12.86 -18.97
C ALA B 113 -4.52 -13.60 -18.64
N ALA B 114 -5.64 -13.07 -19.12
CA ALA B 114 -6.93 -13.68 -18.87
C ALA B 114 -6.96 -15.15 -19.30
N ALA B 115 -6.32 -15.46 -20.42
CA ALA B 115 -6.27 -16.82 -20.92
C ALA B 115 -5.66 -17.79 -19.92
N ASP B 116 -4.81 -17.28 -19.03
CA ASP B 116 -4.16 -18.12 -18.03
C ASP B 116 -5.09 -18.54 -16.90
N LEU B 117 -6.31 -18.01 -16.90
CA LEU B 117 -7.27 -18.36 -15.85
C LEU B 117 -7.85 -19.76 -16.09
N ALA B 118 -7.61 -20.31 -17.28
CA ALA B 118 -8.11 -21.64 -17.60
C ALA B 118 -7.58 -22.68 -16.62
N GLY B 119 -8.49 -23.47 -16.07
CA GLY B 119 -8.11 -24.51 -15.12
C GLY B 119 -7.72 -23.99 -13.75
N ARG B 120 -7.91 -22.69 -13.52
CA ARG B 120 -7.55 -22.08 -12.24
C ARG B 120 -8.74 -22.01 -11.30
N ARG B 121 -8.46 -21.78 -10.02
CA ARG B 121 -9.50 -21.68 -9.00
C ARG B 121 -9.80 -20.21 -8.74
N ILE B 122 -11.04 -19.83 -9.03
CA ILE B 122 -11.47 -18.45 -8.85
C ILE B 122 -12.32 -18.35 -7.59
N GLY B 123 -11.85 -17.56 -6.64
CA GLY B 123 -12.58 -17.38 -5.41
C GLY B 123 -13.69 -16.36 -5.61
N VAL B 124 -14.93 -16.76 -5.32
CA VAL B 124 -16.08 -15.88 -5.44
C VAL B 124 -17.10 -16.20 -4.35
N SER B 125 -17.88 -15.19 -3.98
CA SER B 125 -18.91 -15.37 -2.95
C SER B 125 -19.93 -16.41 -3.39
N ALA B 126 -20.60 -17.02 -2.42
CA ALA B 126 -21.61 -18.01 -2.74
C ALA B 126 -22.70 -17.30 -3.54
N SER B 127 -22.90 -16.02 -3.26
CA SER B 127 -23.91 -15.22 -3.96
C SER B 127 -23.56 -15.11 -5.44
N ALA B 128 -22.30 -14.79 -5.74
CA ALA B 128 -21.86 -14.67 -7.12
C ALA B 128 -21.98 -16.01 -7.82
N ILE B 129 -21.69 -17.09 -7.10
CA ILE B 129 -21.79 -18.42 -7.69
C ILE B 129 -23.23 -18.72 -8.10
N ARG B 130 -24.21 -18.31 -7.29
CA ARG B 130 -25.60 -18.56 -7.65
C ARG B 130 -25.92 -17.88 -8.97
N ILE B 131 -25.49 -16.63 -9.11
CA ILE B 131 -25.75 -15.87 -10.32
C ILE B 131 -25.01 -16.47 -11.52
N LEU B 132 -23.73 -16.77 -11.34
CA LEU B 132 -22.93 -17.36 -12.41
C LEU B 132 -23.48 -18.69 -12.89
N ARG B 133 -24.00 -19.49 -11.97
CA ARG B 133 -24.54 -20.80 -12.33
C ARG B 133 -25.99 -20.72 -12.76
N GLY B 134 -26.61 -19.56 -12.57
CA GLY B 134 -28.01 -19.40 -12.96
C GLY B 134 -28.95 -20.22 -12.10
N GLN B 135 -28.59 -20.39 -10.83
CA GLN B 135 -29.40 -21.14 -9.86
C GLN B 135 -29.50 -20.29 -8.59
N LEU B 136 -30.52 -19.44 -8.55
CA LEU B 136 -30.70 -18.55 -7.41
C LEU B 136 -31.18 -19.21 -6.12
N GLY B 137 -31.56 -20.48 -6.20
CA GLY B 137 -32.01 -21.16 -4.99
C GLY B 137 -33.16 -20.48 -4.27
N ASP B 138 -32.99 -20.29 -2.96
CA ASP B 138 -34.03 -19.67 -2.13
C ASP B 138 -34.11 -18.15 -2.18
N TYR B 139 -33.44 -17.55 -3.15
CA TYR B 139 -33.41 -16.10 -3.32
C TYR B 139 -34.73 -15.38 -3.03
N LEU B 140 -35.81 -15.82 -3.67
CA LEU B 140 -37.12 -15.19 -3.51
C LEU B 140 -37.74 -15.32 -2.12
N GLU B 141 -37.29 -16.30 -1.35
CA GLU B 141 -37.85 -16.53 -0.02
C GLU B 141 -37.08 -15.82 1.09
N LEU B 142 -35.92 -15.26 0.76
CA LEU B 142 -35.09 -14.59 1.75
C LEU B 142 -35.63 -13.25 2.25
N ASP B 143 -35.19 -12.87 3.44
CA ASP B 143 -35.57 -11.60 4.05
C ASP B 143 -34.80 -10.53 3.28
N PRO B 144 -35.22 -9.26 3.38
CA PRO B 144 -34.55 -8.17 2.68
C PRO B 144 -33.03 -8.13 2.77
N TRP B 145 -32.48 -8.19 3.97
CA TRP B 145 -31.03 -8.14 4.11
C TRP B 145 -30.30 -9.23 3.33
N ARG B 146 -30.59 -10.49 3.64
CA ARG B 146 -29.93 -11.59 2.95
C ARG B 146 -30.26 -11.65 1.46
N GLN B 147 -31.47 -11.26 1.09
CA GLN B 147 -31.86 -11.29 -0.32
C GLN B 147 -30.99 -10.33 -1.12
N THR B 148 -30.87 -9.10 -0.65
CA THR B 148 -30.06 -8.11 -1.34
C THR B 148 -28.60 -8.54 -1.40
N LEU B 149 -28.12 -9.20 -0.35
CA LEU B 149 -26.73 -9.67 -0.33
C LEU B 149 -26.48 -10.65 -1.48
N VAL B 150 -27.51 -11.41 -1.85
CA VAL B 150 -27.35 -12.35 -2.95
C VAL B 150 -27.17 -11.55 -4.24
N ALA B 151 -28.00 -10.52 -4.40
CA ALA B 151 -27.91 -9.67 -5.59
C ALA B 151 -26.57 -8.95 -5.68
N LEU B 152 -25.92 -8.70 -4.54
CA LEU B 152 -24.64 -8.02 -4.56
C LEU B 152 -23.56 -8.92 -5.15
N GLY B 153 -23.90 -10.19 -5.36
CA GLY B 153 -22.96 -11.11 -5.98
C GLY B 153 -22.77 -10.71 -7.44
N SER B 154 -23.60 -9.76 -7.89
CA SER B 154 -23.55 -9.26 -9.27
C SER B 154 -22.21 -8.63 -9.65
N TRP B 155 -21.55 -7.97 -8.71
CA TRP B 155 -20.28 -7.34 -9.02
C TRP B 155 -19.26 -8.36 -9.51
N GLU B 156 -19.10 -9.43 -8.73
CA GLU B 156 -18.16 -10.50 -9.08
C GLU B 156 -18.58 -11.21 -10.35
N ALA B 157 -19.88 -11.48 -10.46
CA ALA B 157 -20.41 -12.18 -11.63
C ALA B 157 -20.12 -11.44 -12.93
N ARG B 158 -20.53 -10.17 -13.03
CA ARG B 158 -20.27 -9.43 -14.26
C ARG B 158 -18.77 -9.25 -14.49
N ALA B 159 -18.04 -9.01 -13.40
CA ALA B 159 -16.59 -8.83 -13.52
C ALA B 159 -15.93 -10.10 -14.04
N LEU B 160 -16.35 -11.26 -13.55
CA LEU B 160 -15.74 -12.50 -14.01
C LEU B 160 -16.07 -12.75 -15.47
N LEU B 161 -17.33 -12.52 -15.85
CA LEU B 161 -17.75 -12.73 -17.23
C LEU B 161 -16.94 -11.85 -18.17
N HIS B 162 -16.80 -10.57 -17.82
CA HIS B 162 -16.04 -9.64 -18.65
C HIS B 162 -14.57 -10.03 -18.72
N THR B 163 -14.02 -10.49 -17.61
CA THR B 163 -12.61 -10.88 -17.55
C THR B 163 -12.37 -12.10 -18.45
N LEU B 164 -13.25 -13.10 -18.34
CA LEU B 164 -13.11 -14.31 -19.14
C LEU B 164 -13.17 -14.05 -20.64
N GLU B 165 -13.93 -13.04 -21.05
CA GLU B 165 -14.04 -12.72 -22.47
C GLU B 165 -12.66 -12.39 -23.05
N HIS B 166 -11.81 -11.80 -22.22
CA HIS B 166 -10.45 -11.43 -22.63
C HIS B 166 -9.59 -12.64 -22.96
N GLY B 167 -9.95 -13.80 -22.43
CA GLY B 167 -9.19 -15.00 -22.70
C GLY B 167 -9.98 -15.96 -23.55
N GLU B 168 -11.10 -15.49 -24.10
CA GLU B 168 -11.94 -16.34 -24.92
C GLU B 168 -12.32 -17.55 -24.09
N LEU B 169 -12.55 -17.33 -22.79
CA LEU B 169 -12.91 -18.40 -21.88
C LEU B 169 -14.36 -18.35 -21.43
N GLY B 170 -14.86 -19.48 -20.97
CA GLY B 170 -16.22 -19.55 -20.48
C GLY B 170 -16.15 -19.91 -19.01
N VAL B 171 -17.27 -19.86 -18.30
CA VAL B 171 -17.28 -20.19 -16.89
C VAL B 171 -16.83 -21.64 -16.69
N ASP B 172 -17.11 -22.48 -17.67
CA ASP B 172 -16.72 -23.89 -17.59
C ASP B 172 -15.21 -24.08 -17.67
N ASP B 173 -14.47 -23.01 -17.93
CA ASP B 173 -13.01 -23.11 -18.02
C ASP B 173 -12.31 -22.84 -16.69
N VAL B 174 -13.07 -22.45 -15.68
CA VAL B 174 -12.49 -22.18 -14.37
C VAL B 174 -13.25 -22.94 -13.29
N GLU B 175 -12.67 -23.03 -12.11
CA GLU B 175 -13.30 -23.70 -10.98
C GLU B 175 -13.70 -22.62 -9.99
N LEU B 176 -14.99 -22.50 -9.73
CA LEU B 176 -15.48 -21.49 -8.80
C LEU B 176 -15.39 -22.01 -7.37
N VAL B 177 -14.67 -21.28 -6.52
CA VAL B 177 -14.50 -21.68 -5.12
C VAL B 177 -15.13 -20.66 -4.18
N PRO B 178 -16.06 -21.11 -3.32
CA PRO B 178 -16.71 -20.18 -2.39
C PRO B 178 -15.75 -19.55 -1.39
N ILE B 179 -15.75 -18.22 -1.33
CA ILE B 179 -14.92 -17.49 -0.37
C ILE B 179 -15.76 -16.33 0.14
N SER B 180 -15.24 -15.60 1.12
CA SER B 180 -15.94 -14.45 1.67
C SER B 180 -15.53 -13.21 0.88
N SER B 181 -16.50 -12.45 0.42
CA SER B 181 -16.22 -11.23 -0.34
C SER B 181 -16.81 -10.04 0.40
N PRO B 182 -16.03 -8.95 0.55
CA PRO B 182 -16.49 -7.75 1.26
C PRO B 182 -17.77 -7.12 0.72
N GLY B 183 -18.72 -6.89 1.60
CA GLY B 183 -19.98 -6.29 1.19
C GLY B 183 -21.01 -7.31 0.71
N VAL B 184 -20.55 -8.50 0.34
CA VAL B 184 -21.46 -9.54 -0.12
C VAL B 184 -21.75 -10.46 1.06
N ASP B 185 -20.68 -10.82 1.77
CA ASP B 185 -20.83 -11.69 2.92
C ASP B 185 -20.79 -10.81 4.17
N VAL B 186 -21.97 -10.38 4.60
CA VAL B 186 -22.11 -9.54 5.77
C VAL B 186 -23.13 -10.16 6.72
N PRO B 187 -22.67 -11.06 7.60
CA PRO B 187 -23.56 -11.73 8.56
C PRO B 187 -24.30 -10.68 9.41
N ALA B 188 -25.54 -11.00 9.78
CA ALA B 188 -26.34 -10.10 10.59
C ALA B 188 -25.59 -9.68 11.85
N GLU B 189 -24.88 -10.64 12.45
CA GLU B 189 -24.12 -10.39 13.65
C GLU B 189 -23.03 -9.36 13.43
N GLN B 190 -22.39 -9.43 12.25
CA GLN B 190 -21.34 -8.49 11.93
C GLN B 190 -21.90 -7.07 11.83
N LEU B 191 -23.05 -6.95 11.17
CA LEU B 191 -23.70 -5.64 11.02
C LEU B 191 -24.09 -5.11 12.40
N GLU B 192 -24.75 -5.95 13.19
CA GLU B 192 -25.19 -5.59 14.52
C GLU B 192 -24.05 -5.14 15.44
N GLU B 193 -22.91 -5.83 15.36
CA GLU B 193 -21.76 -5.50 16.19
C GLU B 193 -20.99 -4.28 15.73
N SER B 194 -21.22 -3.85 14.50
CA SER B 194 -20.52 -2.69 13.98
C SER B 194 -21.09 -1.40 14.59
N ALA B 195 -20.20 -0.48 14.95
CA ALA B 195 -20.61 0.78 15.54
C ALA B 195 -21.56 1.52 14.61
N THR B 196 -21.18 1.59 13.34
CA THR B 196 -21.98 2.27 12.32
C THR B 196 -21.80 1.54 11.00
N VAL B 197 -22.47 2.03 9.96
CA VAL B 197 -22.35 1.40 8.65
C VAL B 197 -21.25 2.07 7.82
N LYS B 198 -20.44 2.91 8.48
CA LYS B 198 -19.33 3.56 7.80
C LYS B 198 -18.37 2.43 7.43
N GLY B 199 -17.69 2.56 6.29
CA GLY B 199 -16.77 1.51 5.88
C GLY B 199 -15.67 1.23 6.90
N ALA B 200 -15.26 2.27 7.61
CA ALA B 200 -14.21 2.14 8.62
C ALA B 200 -14.62 1.20 9.74
N ASP B 201 -15.93 1.12 10.02
CA ASP B 201 -16.43 0.25 11.07
C ASP B 201 -16.91 -1.09 10.54
N LEU B 202 -17.67 -1.06 9.45
CA LEU B 202 -18.24 -2.27 8.86
C LEU B 202 -17.30 -3.10 7.99
N PHE B 203 -16.37 -2.44 7.30
CA PHE B 203 -15.43 -3.13 6.41
C PHE B 203 -13.97 -2.78 6.73
N PRO B 204 -13.53 -3.08 7.96
CA PRO B 204 -12.14 -2.75 8.33
C PRO B 204 -11.10 -3.68 7.70
N ASP B 205 -9.97 -3.10 7.30
CA ASP B 205 -8.86 -3.86 6.72
C ASP B 205 -9.26 -4.92 5.71
N VAL B 206 -10.05 -4.55 4.71
CA VAL B 206 -10.48 -5.50 3.70
C VAL B 206 -9.31 -6.13 2.92
N ALA B 207 -8.46 -5.29 2.35
CA ALA B 207 -7.33 -5.78 1.56
C ALA B 207 -6.43 -6.73 2.33
N ARG B 208 -6.25 -6.48 3.64
CA ARG B 208 -5.41 -7.36 4.43
C ARG B 208 -5.98 -8.77 4.39
N GLY B 209 -7.30 -8.86 4.51
CA GLY B 209 -7.95 -10.16 4.48
C GLY B 209 -7.88 -10.80 3.11
N GLN B 210 -8.07 -10.00 2.07
CA GLN B 210 -8.02 -10.54 0.71
C GLN B 210 -6.59 -10.98 0.39
N ALA B 211 -5.61 -10.24 0.87
CA ALA B 211 -4.22 -10.59 0.63
C ALA B 211 -3.90 -11.92 1.32
N ALA B 212 -4.48 -12.13 2.50
CA ALA B 212 -4.25 -13.36 3.25
C ALA B 212 -4.83 -14.54 2.48
N VAL B 213 -6.00 -14.35 1.89
CA VAL B 213 -6.64 -15.42 1.12
C VAL B 213 -5.74 -15.82 -0.04
N LEU B 214 -5.20 -14.84 -0.75
CA LEU B 214 -4.32 -15.13 -1.87
C LEU B 214 -3.04 -15.81 -1.37
N ALA B 215 -2.53 -15.35 -0.24
CA ALA B 215 -1.31 -15.91 0.34
C ALA B 215 -1.46 -17.39 0.70
N SER B 216 -2.67 -17.78 1.09
CA SER B 216 -2.94 -19.16 1.49
C SER B 216 -2.89 -20.09 0.28
N GLY B 217 -3.12 -19.54 -0.90
CA GLY B 217 -3.10 -20.33 -2.11
C GLY B 217 -4.37 -21.15 -2.31
N ASP B 218 -5.35 -20.96 -1.44
CA ASP B 218 -6.61 -21.70 -1.53
C ASP B 218 -7.33 -21.40 -2.84
N VAL B 219 -7.08 -20.23 -3.40
CA VAL B 219 -7.65 -19.83 -4.67
C VAL B 219 -6.57 -19.08 -5.44
N ASP B 220 -6.69 -19.03 -6.75
CA ASP B 220 -5.71 -18.34 -7.58
C ASP B 220 -6.04 -16.86 -7.76
N ALA B 221 -7.32 -16.52 -7.69
CA ALA B 221 -7.72 -15.14 -7.87
C ALA B 221 -9.01 -14.84 -7.14
N LEU B 222 -9.23 -13.56 -6.86
CA LEU B 222 -10.44 -13.11 -6.19
C LEU B 222 -10.74 -11.70 -6.63
N TYR B 223 -12.01 -11.31 -6.53
CA TYR B 223 -12.44 -9.98 -6.95
C TYR B 223 -12.23 -8.90 -5.91
N SER B 224 -11.71 -7.76 -6.36
CA SER B 224 -11.51 -6.61 -5.49
C SER B 224 -11.76 -5.35 -6.30
N TRP B 225 -12.23 -4.31 -5.64
CA TRP B 225 -12.51 -3.03 -6.28
C TRP B 225 -12.62 -1.97 -5.19
N LEU B 226 -12.98 -0.75 -5.57
CA LEU B 226 -13.09 0.36 -4.61
C LEU B 226 -11.70 0.57 -4.02
N PRO B 227 -11.57 1.40 -2.96
CA PRO B 227 -10.22 1.58 -2.40
C PRO B 227 -9.61 0.29 -1.88
N TRP B 228 -10.45 -0.71 -1.65
CA TRP B 228 -9.97 -2.00 -1.17
C TRP B 228 -8.97 -2.57 -2.18
N ALA B 229 -9.29 -2.42 -3.46
CA ALA B 229 -8.40 -2.90 -4.52
C ALA B 229 -7.10 -2.11 -4.48
N GLY B 230 -7.21 -0.84 -4.11
CA GLY B 230 -6.04 0.02 -4.03
C GLY B 230 -5.07 -0.53 -3.00
N GLU B 231 -5.59 -0.90 -1.83
CA GLU B 231 -4.74 -1.44 -0.78
C GLU B 231 -4.29 -2.85 -1.11
N LEU B 232 -5.10 -3.61 -1.83
CA LEU B 232 -4.71 -4.97 -2.19
C LEU B 232 -3.52 -4.90 -3.14
N GLN B 233 -3.60 -3.98 -4.10
CA GLN B 233 -2.54 -3.80 -5.07
C GLN B 233 -1.25 -3.36 -4.36
N ALA B 234 -1.41 -2.65 -3.24
CA ALA B 234 -0.27 -2.18 -2.46
C ALA B 234 0.46 -3.34 -1.77
N THR B 235 -0.16 -4.51 -1.71
CA THR B 235 0.49 -5.66 -1.10
C THR B 235 1.28 -6.43 -2.16
N GLY B 236 1.15 -5.98 -3.41
CA GLY B 236 1.86 -6.63 -4.50
C GLY B 236 0.94 -7.39 -5.44
N ALA B 237 -0.31 -7.60 -5.03
CA ALA B 237 -1.27 -8.32 -5.87
C ALA B 237 -1.56 -7.49 -7.12
N ARG B 238 -2.00 -8.14 -8.18
CA ARG B 238 -2.29 -7.43 -9.42
C ARG B 238 -3.51 -8.00 -10.13
N PRO B 239 -4.26 -7.14 -10.84
CA PRO B 239 -5.45 -7.59 -11.57
C PRO B 239 -5.07 -8.23 -12.90
N VAL B 240 -5.70 -9.36 -13.21
CA VAL B 240 -5.43 -10.05 -14.47
C VAL B 240 -5.83 -9.11 -15.60
N VAL B 241 -6.95 -8.44 -15.38
CA VAL B 241 -7.48 -7.46 -16.32
C VAL B 241 -8.02 -6.34 -15.44
N ASP B 242 -7.57 -5.10 -15.67
CA ASP B 242 -8.07 -3.98 -14.88
C ASP B 242 -9.34 -3.50 -15.55
N LEU B 243 -10.47 -3.93 -15.01
CA LEU B 243 -11.77 -3.57 -15.54
C LEU B 243 -12.03 -2.08 -15.39
N GLY B 244 -11.25 -1.44 -14.54
CA GLY B 244 -11.41 -0.01 -14.34
C GLY B 244 -11.08 0.79 -15.59
N LEU B 245 -10.45 0.13 -16.56
CA LEU B 245 -10.08 0.80 -17.81
C LEU B 245 -11.18 0.76 -18.86
N ASP B 246 -12.32 0.14 -18.54
CA ASP B 246 -13.43 0.06 -19.48
C ASP B 246 -14.73 0.47 -18.80
N GLU B 247 -15.40 1.46 -19.39
CA GLU B 247 -16.64 2.01 -18.87
C GLU B 247 -17.77 0.99 -18.68
N ARG B 248 -17.71 -0.16 -19.35
CA ARG B 248 -18.77 -1.15 -19.19
C ARG B 248 -18.76 -1.79 -17.81
N ASN B 249 -17.78 -1.44 -16.99
CA ASN B 249 -17.69 -1.97 -15.65
C ASN B 249 -18.05 -0.92 -14.61
N ALA B 250 -18.53 0.22 -15.08
CA ALA B 250 -18.94 1.30 -14.19
C ALA B 250 -20.30 0.99 -13.59
N TYR B 251 -20.57 1.62 -12.46
CA TYR B 251 -21.86 1.49 -11.78
C TYR B 251 -22.35 2.90 -11.50
N ALA B 252 -23.63 3.02 -11.18
CA ALA B 252 -24.22 4.32 -10.90
C ALA B 252 -24.62 4.44 -9.44
N SER B 253 -23.82 5.13 -8.63
CA SER B 253 -24.18 5.32 -7.23
C SER B 253 -25.39 6.23 -7.25
N VAL B 254 -26.36 5.93 -6.39
CA VAL B 254 -27.59 6.72 -6.35
C VAL B 254 -27.81 7.36 -5.00
N TRP B 255 -28.38 8.57 -5.05
CA TRP B 255 -28.67 9.33 -3.85
C TRP B 255 -30.18 9.32 -3.68
N THR B 256 -30.64 8.68 -2.60
CA THR B 256 -32.06 8.59 -2.32
C THR B 256 -32.41 9.33 -1.03
N VAL B 257 -33.70 9.62 -0.88
CA VAL B 257 -34.22 10.29 0.31
C VAL B 257 -35.64 9.79 0.52
N SER B 258 -36.11 9.80 1.76
CA SER B 258 -37.47 9.34 2.06
C SER B 258 -38.47 10.17 1.24
N SER B 259 -39.36 9.48 0.54
CA SER B 259 -40.35 10.13 -0.31
C SER B 259 -41.19 11.17 0.41
N GLY B 260 -41.47 10.92 1.68
CA GLY B 260 -42.26 11.85 2.46
C GLY B 260 -41.59 13.21 2.57
N LEU B 261 -40.26 13.24 2.65
CA LEU B 261 -39.56 14.52 2.76
C LEU B 261 -39.71 15.33 1.48
N VAL B 262 -39.71 14.65 0.34
CA VAL B 262 -39.85 15.35 -0.94
C VAL B 262 -41.18 16.09 -1.03
N ARG B 263 -42.26 15.43 -0.61
CA ARG B 263 -43.58 16.05 -0.68
C ARG B 263 -43.86 17.03 0.47
N GLN B 264 -43.51 16.61 1.68
CA GLN B 264 -43.78 17.41 2.88
C GLN B 264 -42.77 18.49 3.26
N ARG B 265 -41.49 18.25 3.01
CA ARG B 265 -40.47 19.23 3.35
C ARG B 265 -39.54 19.52 2.16
N PRO B 266 -40.10 20.00 1.05
CA PRO B 266 -39.33 20.33 -0.15
C PRO B 266 -38.24 21.36 0.07
N GLY B 267 -38.41 22.21 1.08
CA GLY B 267 -37.41 23.22 1.36
C GLY B 267 -36.17 22.58 1.97
N LEU B 268 -36.39 21.57 2.79
CA LEU B 268 -35.29 20.86 3.43
C LEU B 268 -34.53 20.05 2.39
N VAL B 269 -35.26 19.40 1.48
CA VAL B 269 -34.61 18.62 0.45
C VAL B 269 -33.83 19.55 -0.48
N GLN B 270 -34.38 20.73 -0.75
CA GLN B 270 -33.69 21.68 -1.62
C GLN B 270 -32.40 22.13 -0.95
N ARG B 271 -32.47 22.40 0.35
CA ARG B 271 -31.27 22.82 1.09
C ARG B 271 -30.25 21.70 1.04
N LEU B 272 -30.73 20.47 1.18
CA LEU B 272 -29.87 19.28 1.15
C LEU B 272 -29.16 19.14 -0.19
N VAL B 273 -29.93 19.22 -1.28
CA VAL B 273 -29.37 19.08 -2.61
C VAL B 273 -28.46 20.26 -2.95
N ASP B 274 -28.87 21.47 -2.56
CA ASP B 274 -28.05 22.65 -2.82
C ASP B 274 -26.68 22.50 -2.14
N ALA B 275 -26.68 22.01 -0.91
CA ALA B 275 -25.44 21.83 -0.17
C ALA B 275 -24.52 20.79 -0.84
N ALA B 276 -25.11 19.72 -1.36
CA ALA B 276 -24.34 18.68 -2.01
C ALA B 276 -23.76 19.19 -3.33
N VAL B 277 -24.54 19.96 -4.07
CA VAL B 277 -24.08 20.51 -5.33
C VAL B 277 -22.94 21.49 -5.05
N ASP B 278 -23.13 22.34 -4.05
CA ASP B 278 -22.11 23.31 -3.69
C ASP B 278 -20.82 22.59 -3.27
N ALA B 279 -20.99 21.51 -2.52
CA ALA B 279 -19.84 20.73 -2.06
C ALA B 279 -19.15 20.09 -3.26
N GLY B 280 -19.96 19.63 -4.21
CA GLY B 280 -19.41 19.02 -5.41
C GLY B 280 -18.56 20.00 -6.21
N LEU B 281 -19.01 21.24 -6.30
CA LEU B 281 -18.27 22.27 -7.02
C LEU B 281 -17.00 22.62 -6.25
N TRP B 282 -17.14 22.74 -4.93
CA TRP B 282 -16.03 23.05 -4.04
C TRP B 282 -14.95 21.97 -4.13
N ALA B 283 -15.38 20.71 -4.23
CA ALA B 283 -14.47 19.57 -4.31
C ALA B 283 -13.45 19.69 -5.43
N ARG B 284 -13.85 20.32 -6.52
CA ARG B 284 -12.97 20.49 -7.68
C ARG B 284 -11.67 21.21 -7.35
N ASP B 285 -11.73 22.17 -6.42
CA ASP B 285 -10.55 22.93 -6.04
C ASP B 285 -9.99 22.52 -4.67
N HIS B 286 -10.46 21.39 -4.16
CA HIS B 286 -9.99 20.89 -2.88
C HIS B 286 -9.86 19.38 -2.91
N SER B 287 -9.14 18.90 -3.94
CA SER B 287 -8.92 17.48 -4.13
C SER B 287 -8.40 16.74 -2.90
N ASP B 288 -7.36 17.28 -2.27
CA ASP B 288 -6.79 16.63 -1.09
C ASP B 288 -7.77 16.46 0.07
N ALA B 289 -8.53 17.51 0.36
CA ALA B 289 -9.49 17.46 1.44
C ALA B 289 -10.53 16.37 1.16
N VAL B 290 -10.97 16.31 -0.09
CA VAL B 290 -11.97 15.33 -0.49
C VAL B 290 -11.41 13.92 -0.40
N THR B 291 -10.17 13.72 -0.86
CA THR B 291 -9.56 12.41 -0.76
C THR B 291 -9.49 11.99 0.70
N SER B 292 -9.01 12.90 1.54
CA SER B 292 -8.88 12.63 2.97
C SER B 292 -10.17 12.26 3.67
N LEU B 293 -11.25 12.98 3.40
CA LEU B 293 -12.51 12.67 4.07
C LEU B 293 -13.08 11.33 3.63
N HIS B 294 -12.85 10.93 2.37
CA HIS B 294 -13.34 9.63 1.93
C HIS B 294 -12.47 8.55 2.57
N ALA B 295 -11.17 8.82 2.64
CA ALA B 295 -10.24 7.86 3.23
C ALA B 295 -10.61 7.57 4.69
N ALA B 296 -10.91 8.63 5.45
CA ALA B 296 -11.26 8.48 6.85
C ALA B 296 -12.57 7.71 7.03
N ASN B 297 -13.56 8.03 6.18
CA ASN B 297 -14.86 7.39 6.25
C ASN B 297 -14.78 5.89 5.97
N LEU B 298 -13.94 5.52 5.01
CA LEU B 298 -13.77 4.12 4.63
C LEU B 298 -12.72 3.36 5.43
N GLY B 299 -11.85 4.10 6.11
CA GLY B 299 -10.80 3.46 6.89
C GLY B 299 -9.71 2.90 5.99
N VAL B 300 -9.36 3.65 4.94
CA VAL B 300 -8.34 3.23 3.99
C VAL B 300 -7.32 4.35 3.80
N SER B 301 -6.22 4.04 3.10
CA SER B 301 -5.18 5.04 2.86
C SER B 301 -5.66 6.06 1.83
N THR B 302 -5.09 7.26 1.88
CA THR B 302 -5.47 8.30 0.94
C THR B 302 -5.12 7.89 -0.49
N GLY B 303 -3.99 7.21 -0.64
CA GLY B 303 -3.58 6.77 -1.97
C GLY B 303 -4.54 5.74 -2.55
N ALA B 304 -5.07 4.88 -1.69
CA ALA B 304 -6.00 3.85 -2.13
C ALA B 304 -7.30 4.45 -2.67
N VAL B 305 -7.70 5.59 -2.13
CA VAL B 305 -8.91 6.26 -2.58
C VAL B 305 -8.79 6.62 -4.06
N GLY B 306 -7.65 7.22 -4.42
CA GLY B 306 -7.43 7.60 -5.80
C GLY B 306 -7.43 6.41 -6.75
N GLN B 307 -6.85 5.31 -6.31
CA GLN B 307 -6.79 4.10 -7.12
C GLN B 307 -8.20 3.52 -7.30
N GLY B 308 -8.93 3.45 -6.18
CA GLY B 308 -10.27 2.89 -6.20
C GLY B 308 -11.37 3.70 -6.87
N PHE B 309 -11.26 5.03 -6.82
CA PHE B 309 -12.28 5.89 -7.42
C PHE B 309 -11.83 6.61 -8.69
N GLY B 310 -10.53 6.55 -8.98
CA GLY B 310 -10.03 7.24 -10.16
C GLY B 310 -9.32 8.51 -9.72
N ALA B 311 -8.18 8.81 -10.32
CA ALA B 311 -7.38 9.98 -9.97
C ALA B 311 -8.09 11.33 -9.85
N ASP B 312 -9.04 11.60 -10.74
CA ASP B 312 -9.74 12.88 -10.69
C ASP B 312 -11.22 12.75 -10.34
N PHE B 313 -11.53 11.81 -9.45
CA PHE B 313 -12.92 11.60 -9.05
C PHE B 313 -13.51 12.85 -8.39
N GLN B 314 -12.66 13.70 -7.82
CA GLN B 314 -13.13 14.91 -7.15
C GLN B 314 -13.71 15.94 -8.14
N GLN B 315 -13.47 15.71 -9.42
CA GLN B 315 -13.97 16.61 -10.46
C GLN B 315 -15.35 16.17 -10.91
N ARG B 316 -15.78 15.00 -10.45
CA ARG B 316 -17.07 14.44 -10.85
C ARG B 316 -17.99 14.15 -9.66
N LEU B 317 -18.06 15.08 -8.71
CA LEU B 317 -18.90 14.89 -7.54
C LEU B 317 -20.24 15.60 -7.55
N VAL B 318 -20.47 16.49 -8.52
CA VAL B 318 -21.78 17.15 -8.58
C VAL B 318 -22.75 16.09 -9.08
N PRO B 319 -23.79 15.78 -8.29
CA PRO B 319 -24.76 14.76 -8.71
C PRO B 319 -25.40 15.03 -10.07
N ARG B 320 -25.80 13.96 -10.74
CA ARG B 320 -26.38 14.07 -12.07
C ARG B 320 -27.69 13.31 -12.24
N LEU B 321 -28.54 13.80 -13.14
CA LEU B 321 -29.79 13.15 -13.49
C LEU B 321 -30.00 13.27 -15.00
N ASP B 322 -28.89 13.49 -15.72
CA ASP B 322 -28.97 13.61 -17.18
C ASP B 322 -29.21 12.24 -17.79
N HIS B 323 -29.56 12.20 -19.08
CA HIS B 323 -29.85 10.94 -19.75
C HIS B 323 -28.73 9.89 -19.69
N ASP B 324 -27.47 10.32 -19.80
CA ASP B 324 -26.36 9.36 -19.74
C ASP B 324 -26.24 8.74 -18.36
N ALA B 325 -26.45 9.53 -17.32
CA ALA B 325 -26.37 9.03 -15.96
C ALA B 325 -27.50 8.02 -15.74
N LEU B 326 -28.69 8.35 -16.20
CA LEU B 326 -29.83 7.46 -16.06
C LEU B 326 -29.61 6.18 -16.85
N ALA B 327 -28.94 6.29 -18.00
CA ALA B 327 -28.68 5.13 -18.83
C ALA B 327 -27.73 4.16 -18.11
N LEU B 328 -26.80 4.71 -17.34
CA LEU B 328 -25.86 3.90 -16.59
C LEU B 328 -26.62 3.14 -15.51
N LEU B 329 -27.53 3.84 -14.84
CA LEU B 329 -28.32 3.21 -13.79
C LEU B 329 -29.20 2.12 -14.43
N GLU B 330 -29.77 2.42 -15.59
CA GLU B 330 -30.62 1.46 -16.28
C GLU B 330 -29.82 0.21 -16.62
N ARG B 331 -28.57 0.40 -17.02
CA ARG B 331 -27.72 -0.74 -17.38
C ARG B 331 -27.58 -1.71 -16.22
N THR B 332 -27.33 -1.19 -15.02
CA THR B 332 -27.21 -2.08 -13.86
C THR B 332 -28.54 -2.77 -13.62
N GLN B 333 -29.64 -2.02 -13.73
CA GLN B 333 -30.96 -2.60 -13.53
C GLN B 333 -31.20 -3.73 -14.52
N GLN B 334 -30.74 -3.58 -15.76
CA GLN B 334 -30.93 -4.62 -16.75
C GLN B 334 -30.13 -5.87 -16.39
N PHE B 335 -28.99 -5.72 -15.74
CA PHE B 335 -28.23 -6.89 -15.34
C PHE B 335 -29.05 -7.66 -14.31
N LEU B 336 -29.67 -6.93 -13.39
CA LEU B 336 -30.49 -7.56 -12.35
C LEU B 336 -31.69 -8.28 -12.97
N LEU B 337 -32.35 -7.64 -13.93
CA LEU B 337 -33.50 -8.24 -14.59
C LEU B 337 -33.11 -9.50 -15.35
N THR B 338 -32.09 -9.37 -16.20
CA THR B 338 -31.63 -10.51 -17.00
C THR B 338 -31.27 -11.70 -16.12
N ASN B 339 -30.64 -11.43 -14.98
CA ASN B 339 -30.23 -12.49 -14.09
C ASN B 339 -31.25 -12.92 -13.04
N ASN B 340 -32.51 -12.55 -13.29
CA ASN B 340 -33.62 -12.93 -12.43
C ASN B 340 -33.59 -12.40 -11.00
N LEU B 341 -32.82 -11.35 -10.75
CA LEU B 341 -32.75 -10.77 -9.41
C LEU B 341 -33.92 -9.81 -9.25
N LEU B 342 -34.41 -9.31 -10.39
CA LEU B 342 -35.57 -8.42 -10.45
C LEU B 342 -36.47 -9.02 -11.52
N GLN B 343 -37.78 -8.83 -11.39
CA GLN B 343 -38.72 -9.35 -12.37
C GLN B 343 -39.30 -8.22 -13.20
N GLU B 344 -39.52 -7.08 -12.55
CA GLU B 344 -40.05 -5.89 -13.20
C GLU B 344 -39.14 -4.71 -12.86
N PRO B 345 -38.85 -3.86 -13.85
CA PRO B 345 -37.97 -2.71 -13.61
C PRO B 345 -38.57 -1.55 -12.84
N VAL B 346 -37.70 -0.78 -12.20
CA VAL B 346 -38.12 0.41 -11.48
C VAL B 346 -38.19 1.45 -12.59
N ALA B 347 -39.24 2.27 -12.59
CA ALA B 347 -39.38 3.32 -13.59
C ALA B 347 -38.49 4.47 -13.12
N LEU B 348 -37.27 4.52 -13.65
CA LEU B 348 -36.32 5.54 -13.24
C LEU B 348 -36.80 6.99 -13.34
N ASP B 349 -37.51 7.32 -14.42
CA ASP B 349 -37.98 8.68 -14.60
C ASP B 349 -38.99 9.10 -13.53
N GLN B 350 -39.77 8.14 -13.04
CA GLN B 350 -40.75 8.41 -12.00
C GLN B 350 -40.10 8.41 -10.63
N TRP B 351 -39.11 7.55 -10.45
CA TRP B 351 -38.38 7.44 -9.20
C TRP B 351 -37.62 8.74 -8.96
N ALA B 352 -37.02 9.25 -10.02
CA ALA B 352 -36.26 10.49 -9.93
C ALA B 352 -37.13 11.69 -9.57
N ALA B 353 -36.55 12.60 -8.80
CA ALA B 353 -37.22 13.84 -8.39
C ALA B 353 -36.23 14.91 -8.89
N PRO B 354 -36.18 15.10 -10.21
CA PRO B 354 -35.28 16.07 -10.86
C PRO B 354 -35.42 17.54 -10.49
N GLU B 355 -36.59 17.93 -10.00
CA GLU B 355 -36.82 19.33 -9.67
C GLU B 355 -35.76 19.92 -8.72
N PHE B 356 -35.33 19.14 -7.73
CA PHE B 356 -34.35 19.64 -6.78
C PHE B 356 -32.99 19.92 -7.41
N LEU B 357 -32.44 18.93 -8.12
CA LEU B 357 -31.14 19.12 -8.75
C LEU B 357 -31.22 20.22 -9.82
N ASN B 358 -32.33 20.27 -10.55
CA ASN B 358 -32.49 21.30 -11.57
C ASN B 358 -32.43 22.69 -10.92
N ASN B 359 -33.18 22.88 -9.84
CA ASN B 359 -33.16 24.17 -9.16
C ASN B 359 -31.77 24.48 -8.65
N SER B 360 -31.10 23.47 -8.13
CA SER B 360 -29.77 23.65 -7.59
C SER B 360 -28.77 24.08 -8.65
N LEU B 361 -28.82 23.46 -9.83
CA LEU B 361 -27.91 23.81 -10.90
C LEU B 361 -28.21 25.19 -11.50
N ASN B 362 -29.47 25.60 -11.46
CA ASN B 362 -29.86 26.90 -11.99
C ASN B 362 -29.19 28.05 -11.25
N ARG B 363 -28.74 27.79 -10.03
CA ARG B 363 -28.09 28.82 -9.21
C ARG B 363 -26.69 29.15 -9.71
N HIS B 364 -26.01 28.17 -10.28
CA HIS B 364 -24.66 28.36 -10.79
C HIS B 364 -24.65 28.46 -12.31
C ACT C . 15.35 -5.25 21.10
O ACT C . 16.48 -4.48 20.26
OXT ACT C . 15.54 -6.04 22.08
CH3 ACT C . 13.90 -5.07 20.75
CX1 BPS D . 21.50 -4.32 0.77
CX2 BPS D . 22.76 -3.72 0.62
CX3 BPS D . 23.18 -2.73 1.51
CX4 BPS D . 22.32 -2.33 2.54
CX5 BPS D . 21.07 -2.92 2.69
CX6 BPS D . 20.66 -3.91 1.80
CX7 BPS D . 23.55 -4.11 -0.45
CX8 BPS D . 24.38 -5.23 -0.35
CX9 BPS D . 25.16 -5.63 -1.41
CXA BPS D . 25.13 -4.91 -2.61
CXB BPS D . 24.31 -3.79 -2.72
CXC BPS D . 23.52 -3.39 -1.65
SX1 BPS D . 24.75 -1.98 1.39
OX1 BPS D . 24.80 -1.15 0.23
OX2 BPS D . 25.02 -1.11 2.58
C ACT E . -13.35 -5.29 -19.91
O ACT E . -13.30 -6.50 -20.94
OXT ACT E . -14.38 -4.79 -19.36
CH3 ACT E . -12.08 -4.60 -19.52
CX1 BPS F . -20.16 -2.23 -0.21
CX2 BPS F . -21.54 -2.11 -0.12
CX3 BPS F . -22.25 -1.52 -1.18
CX4 BPS F . -21.57 -1.06 -2.29
CX5 BPS F . -20.18 -1.18 -2.37
CX6 BPS F . -19.47 -1.77 -1.33
CX7 BPS F . -22.17 -2.53 1.04
CX8 BPS F . -22.56 -3.87 1.19
CX9 BPS F . -23.21 -4.29 2.34
CXA BPS F . -23.49 -3.37 3.36
CXB BPS F . -23.10 -2.05 3.22
CXC BPS F . -22.45 -1.63 2.07
SX1 BPS F . -24.01 -1.38 -1.13
OX1 BPS F . -24.38 -0.36 -0.20
OX2 BPS F . -24.51 -0.99 -2.49
#